data_7EW3
#
_entry.id   7EW3
#
_cell.length_a   1.00
_cell.length_b   1.00
_cell.length_c   1.00
_cell.angle_alpha   90.00
_cell.angle_beta   90.00
_cell.angle_gamma   90.00
#
_symmetry.space_group_name_H-M   'P 1'
#
loop_
_entity.id
_entity.type
_entity.pdbx_description
1 polymer 'Guanine nucleotide-binding protein G(i) subunit alpha-1'
2 polymer 'Guanine nucleotide-binding protein G(I)/G(S)/G(T) subunit beta-1'
3 polymer 'Guanine nucleotide-binding protein G(I)/G(S)/G(O) subunit gamma-2'
4 polymer 'Sphingosine 1-phosphate receptor 3'
5 polymer scFV16
6 non-polymer '(2S,3R,4E)-2-amino-3-hydroxyoctadec-4-en-1-yl dihydrogen phosphate'
7 non-polymer 'PALMITIC ACID'
#
loop_
_entity_poly.entity_id
_entity_poly.type
_entity_poly.pdbx_seq_one_letter_code
_entity_poly.pdbx_strand_id
1 'polypeptide(L)'
;MGCTLSAEDKAAVERSKMIDRNLREDGEKAAREVKLLLLGAGESGKSTIVKQMKIIHEAGYSEEECKQYKAVVYSNTIQS
IIAIIRAMGRLKIDFGDSARADDARQLFVLAGAAEEGFMTAELAGVIKRLWKDSGVQACFNRSREYQLNDSAAYYLNDLD
RIAQPNYIPTQQDVLRTRVKTTGIVETHFTFKDLHFKMFDVGGQRSERKKWIHCFEGVTAIIFCVALSDYDLVLAEDEEM
NRMHESMKLFDSICNNKWFTDTSIILFLNKKDLFEEKIKKSPLTICYPEYAGSNTYEEAAAYIQCQFEDLNKRKDTKEIY
THFTCATDTKNVQFVFDAVTDVIIKNNLKDCGLF
;
A
2 'polypeptide(L)'
;MHHHHLEVLFQGPGSSGSELDQLRQEAEQLKNQIRDARKACADATLSQITNNIDPVGRIQMRTRRTLRGHLAKIYAMHWG
TDSRLLVSASQDGKLIIWDSYTTNKVHAIPLRSSWVMTCAYAPSGNYVACGGLDNICSIYNLKTREGNVRVSRELAGHTG
YLSCCRFLDDNQIVTSSGDTTCALWDIETGQQTTTFTGHTGDVMSLSLAPDTRLFVSGACDASAKLWDVREGMCRQTFTG
HESDINAICFFPNGNAFATGSDDATCRLFDLRADQELMTYSHDNIICGITSVSFSKSGRLLLAGYDDFNCNVWDALKADR
AGVLAGHDNRVSCLGVTDDGMAVATGSWDSFLKIWN
;
B
3 'polypeptide(L)' MASNNTASIAQARKLVEQLKMEANIDRIKVSKAAADLMAYCEAHAKEDPLLTPVPASENPFREKKFFCAIL C
4 'polypeptide(L)'
;MKTIIALSYIFCLVFADYKDDDDAHHHHHHHHHHMATALPPRLQPVRGNETLREHYQYVGKLAGRLKEASEGSTLTTVLF
LVICSFIVLENLMVLIAIWKNNKFHNRMYFFIGNLALCDLLAGIAYKVNILMSGKKTFSLSPTVWFLREGSMFVALGAST
CSLLAIAIERHLTMIKMRPYDANKRHRVFLLIGMCWLIAFTLGALPILGWNCLHNLPDCSTILPLYSKKYIAFCISIFTA
ILVTIVILYARIYFLVKSSSRKVANHNNSERSMALLRTVVIVVSVFIACWSPLFILFLIDVACRVQACPILFKAQWFIVL
AVLNSAMNPVIYTLASKEMRRAFFRLVCNCLVRGRGARASPIQPALDPSRSKSSSSNNSSHSPKVKEDLPHTAPSSCIMD
KNAALQNGIFCN
;
R
5 'polypeptide(L)'
;DVQLVESGGGLVQPGGSRKLSCSASGFAFSSFGMHWVRQAPEKGLEWVAYISSGSGTIYYADTVKGRFTISRDDPKNTLF
LQMTSLRSEDTAMYYCVRSIYYYGSSPFDFWGQGTTLTVSSGGGGSGGGGSGGGGSDIVMTQATSSVPVTPGESVSISCR
SSKSLLHSNGNTYLYWFLQRPGQSPQLLIYRMSNLASGVPDRFSGSGSGTAFTLTISRLEAEDVGVYYCMQHLEYPLTFG
AGTKLELKAAAENLYFQGHHHHHHHH
;
S
#
# COMPACT_ATOMS: atom_id res chain seq x y z
N GLY A 2 -21.84 14.31 -0.83
CA GLY A 2 -22.02 15.60 -1.48
C GLY A 2 -23.18 16.40 -0.92
N CYS A 3 -24.06 15.72 -0.18
CA CYS A 3 -25.21 16.40 0.42
C CYS A 3 -24.77 17.37 1.52
N THR A 4 -23.76 16.99 2.29
CA THR A 4 -23.27 17.81 3.39
C THR A 4 -21.98 18.56 3.07
N LEU A 5 -21.16 18.03 2.18
CA LEU A 5 -19.89 18.66 1.85
C LEU A 5 -20.12 20.03 1.23
N SER A 6 -19.25 20.98 1.57
CA SER A 6 -19.35 22.35 1.08
C SER A 6 -18.69 22.44 -0.30
N ALA A 7 -18.62 23.66 -0.84
CA ALA A 7 -18.02 23.86 -2.16
C ALA A 7 -16.51 23.61 -2.14
N GLU A 8 -15.86 23.87 -1.01
CA GLU A 8 -14.43 23.67 -0.88
C GLU A 8 -14.06 22.26 -0.45
N ASP A 9 -15.04 21.41 -0.16
CA ASP A 9 -14.78 20.01 0.20
C ASP A 9 -14.96 19.06 -0.96
N LYS A 10 -15.88 19.36 -1.89
CA LYS A 10 -16.04 18.53 -3.07
C LYS A 10 -14.79 18.57 -3.95
N ALA A 11 -14.17 19.75 -4.07
CA ALA A 11 -12.93 19.85 -4.84
C ALA A 11 -11.80 19.06 -4.18
N ALA A 12 -11.75 19.08 -2.84
CA ALA A 12 -10.74 18.31 -2.13
C ALA A 12 -10.92 16.81 -2.38
N VAL A 13 -12.16 16.34 -2.38
CA VAL A 13 -12.43 14.94 -2.69
C VAL A 13 -12.01 14.62 -4.12
N GLU A 14 -12.27 15.54 -5.05
CA GLU A 14 -11.88 15.33 -6.44
C GLU A 14 -10.36 15.23 -6.56
N ARG A 15 -9.63 16.06 -5.81
CA ARG A 15 -8.17 15.98 -5.83
C ARG A 15 -7.69 14.64 -5.29
N SER A 16 -8.31 14.14 -4.23
CA SER A 16 -7.93 12.84 -3.67
C SER A 16 -8.18 11.72 -4.67
N LYS A 17 -9.28 11.79 -5.42
CA LYS A 17 -9.57 10.78 -6.44
C LYS A 17 -8.51 10.81 -7.54
N MET A 18 -8.07 11.99 -7.93
CA MET A 18 -7.00 12.10 -8.94
C MET A 18 -5.71 11.48 -8.44
N ILE A 19 -5.38 11.69 -7.16
CA ILE A 19 -4.18 11.09 -6.58
C ILE A 19 -4.30 9.57 -6.57
N ASP A 20 -5.48 9.05 -6.22
CA ASP A 20 -5.70 7.61 -6.21
C ASP A 20 -5.53 7.02 -7.61
N ARG A 21 -6.05 7.70 -8.63
CA ARG A 21 -5.92 7.22 -10.00
C ARG A 21 -4.46 7.17 -10.42
N ASN A 22 -3.68 8.20 -10.07
CA ASN A 22 -2.28 8.23 -10.43
C ASN A 22 -1.50 7.10 -9.74
N LEU A 23 -1.81 6.84 -8.47
CA LEU A 23 -1.12 5.77 -7.75
C LEU A 23 -1.40 4.41 -8.36
N ARG A 24 -2.66 4.16 -8.74
CA ARG A 24 -3.00 2.88 -9.35
C ARG A 24 -2.30 2.72 -10.71
N GLU A 25 -2.26 3.78 -11.50
CA GLU A 25 -1.59 3.71 -12.80
C GLU A 25 -0.09 3.45 -12.65
N ASP A 26 0.54 4.11 -11.69
CA ASP A 26 1.97 3.90 -11.47
C ASP A 26 2.27 2.60 -10.73
N GLY A 27 1.29 2.01 -10.05
CA GLY A 27 1.52 0.77 -9.34
C GLY A 27 1.45 -0.47 -10.21
N GLU A 28 0.74 -0.40 -11.34
CA GLU A 28 0.64 -1.51 -12.26
C GLU A 28 1.78 -1.56 -13.27
N LYS A 29 2.61 -0.50 -13.34
CA LYS A 29 3.74 -0.50 -14.25
C LYS A 29 4.96 -1.18 -13.64
N ALA A 30 5.07 -1.18 -12.31
CA ALA A 30 6.18 -1.81 -11.62
C ALA A 30 5.91 -3.27 -11.26
N ALA A 31 4.74 -3.79 -11.59
CA ALA A 31 4.40 -5.18 -11.32
C ALA A 31 4.78 -6.12 -12.45
N ARG A 32 5.36 -5.60 -13.54
CA ARG A 32 5.78 -6.42 -14.67
C ARG A 32 7.29 -6.38 -14.87
N GLU A 33 8.04 -5.98 -13.85
CA GLU A 33 9.49 -5.87 -13.93
C GLU A 33 10.12 -6.93 -13.03
N VAL A 34 11.14 -7.61 -13.55
CA VAL A 34 11.81 -8.66 -12.80
C VAL A 34 12.89 -8.03 -11.93
N LYS A 35 12.92 -8.41 -10.65
CA LYS A 35 13.89 -7.92 -9.69
C LYS A 35 14.86 -9.04 -9.32
N LEU A 36 16.15 -8.74 -9.41
CA LEU A 36 17.19 -9.72 -9.13
C LEU A 36 18.18 -9.15 -8.13
N LEU A 37 18.68 -10.01 -7.25
CA LEU A 37 19.66 -9.63 -6.25
C LEU A 37 20.98 -10.30 -6.56
N LEU A 38 22.04 -9.50 -6.67
CA LEU A 38 23.37 -10.00 -7.01
C LEU A 38 24.22 -10.06 -5.74
N LEU A 39 24.77 -11.25 -5.46
CA LEU A 39 25.61 -11.46 -4.29
C LEU A 39 26.91 -12.12 -4.71
N GLY A 40 27.93 -11.95 -3.88
CA GLY A 40 29.23 -12.53 -4.13
C GLY A 40 30.04 -12.60 -2.86
N ALA A 41 31.23 -13.21 -2.98
CA ALA A 41 32.13 -13.37 -1.84
C ALA A 41 33.34 -12.46 -1.91
N GLY A 42 33.35 -11.51 -2.84
CA GLY A 42 34.48 -10.61 -2.98
C GLY A 42 34.98 -10.50 -4.40
N GLU A 43 36.25 -10.84 -4.63
CA GLU A 43 36.83 -10.82 -5.97
C GLU A 43 36.50 -12.12 -6.71
N SER A 44 35.19 -12.33 -6.90
CA SER A 44 34.67 -13.51 -7.57
C SER A 44 34.18 -13.22 -8.98
N GLY A 45 34.45 -12.02 -9.49
CA GLY A 45 33.99 -11.65 -10.82
C GLY A 45 32.61 -11.02 -10.86
N LYS A 46 32.07 -10.59 -9.72
CA LYS A 46 30.76 -9.96 -9.70
C LYS A 46 30.74 -8.61 -10.40
N SER A 47 31.91 -8.00 -10.64
CA SER A 47 31.99 -6.78 -11.41
C SER A 47 32.09 -7.03 -12.91
N THR A 48 32.62 -8.19 -13.31
CA THR A 48 32.66 -8.56 -14.72
C THR A 48 31.28 -9.02 -15.22
N ILE A 49 30.52 -9.72 -14.38
CA ILE A 49 29.19 -10.18 -14.78
C ILE A 49 28.26 -8.99 -15.00
N VAL A 50 28.51 -7.86 -14.33
CA VAL A 50 27.71 -6.67 -14.56
C VAL A 50 28.00 -6.09 -15.95
N LYS A 51 29.29 -6.01 -16.30
CA LYS A 51 29.66 -5.49 -17.61
C LYS A 51 29.22 -6.40 -18.74
N GLN A 52 29.06 -7.70 -18.47
CA GLN A 52 28.64 -8.63 -19.50
C GLN A 52 27.22 -8.31 -19.97
N MET A 53 26.33 -7.95 -19.05
CA MET A 53 24.96 -7.58 -19.37
C MET A 53 24.70 -6.12 -19.02
N LYS A 54 25.66 -5.25 -19.31
CA LYS A 54 25.53 -3.83 -19.03
C LYS A 54 24.89 -3.13 -20.22
N ILE A 55 23.87 -2.32 -19.94
CA ILE A 55 23.16 -1.59 -20.99
C ILE A 55 23.99 -0.40 -21.45
N GLY A 183 26.37 3.19 -1.52
CA GLY A 183 25.45 2.27 -0.88
C GLY A 183 25.01 1.14 -1.79
N ILE A 184 23.78 1.24 -2.30
CA ILE A 184 23.21 0.23 -3.19
C ILE A 184 23.34 0.74 -4.63
N VAL A 185 23.58 -0.19 -5.56
CA VAL A 185 23.73 0.13 -6.97
C VAL A 185 22.61 -0.58 -7.73
N GLU A 186 21.91 0.16 -8.58
CA GLU A 186 20.78 -0.35 -9.34
C GLU A 186 21.11 -0.35 -10.82
N THR A 187 20.90 -1.50 -11.47
CA THR A 187 21.13 -1.66 -12.89
C THR A 187 19.85 -2.13 -13.57
N HIS A 188 19.50 -1.49 -14.68
CA HIS A 188 18.27 -1.80 -15.40
C HIS A 188 18.60 -2.04 -16.86
N PHE A 189 18.04 -3.10 -17.43
CA PHE A 189 18.23 -3.44 -18.83
C PHE A 189 17.03 -4.23 -19.31
N THR A 190 16.96 -4.47 -20.62
CA THR A 190 15.85 -5.16 -21.25
C THR A 190 16.38 -6.32 -22.08
N PHE A 191 15.56 -7.37 -22.20
CA PHE A 191 15.93 -8.54 -22.99
C PHE A 191 14.66 -9.29 -23.36
N LYS A 192 14.38 -9.39 -24.66
CA LYS A 192 13.22 -10.11 -25.17
C LYS A 192 11.91 -9.60 -24.56
N ASP A 193 11.73 -8.28 -24.62
CA ASP A 193 10.53 -7.60 -24.16
C ASP A 193 10.28 -7.78 -22.67
N LEU A 194 11.31 -8.13 -21.90
CA LEU A 194 11.21 -8.29 -20.46
C LEU A 194 12.24 -7.39 -19.79
N HIS A 195 11.81 -6.65 -18.77
CA HIS A 195 12.65 -5.66 -18.11
C HIS A 195 13.22 -6.26 -16.83
N PHE A 196 14.54 -6.23 -16.71
CA PHE A 196 15.25 -6.74 -15.54
C PHE A 196 15.83 -5.59 -14.73
N LYS A 197 15.76 -5.71 -13.41
CA LYS A 197 16.35 -4.74 -12.50
C LYS A 197 17.19 -5.51 -11.48
N MET A 198 18.49 -5.26 -11.49
CA MET A 198 19.44 -5.96 -10.63
C MET A 198 20.01 -5.01 -9.59
N PHE A 199 20.07 -5.47 -8.34
CA PHE A 199 20.54 -4.66 -7.22
C PHE A 199 21.85 -5.21 -6.70
N ASP A 200 22.84 -4.34 -6.56
CA ASP A 200 24.12 -4.69 -5.96
C ASP A 200 24.20 -4.03 -4.59
N VAL A 201 24.40 -4.84 -3.54
CA VAL A 201 24.38 -4.35 -2.17
C VAL A 201 25.66 -4.82 -1.48
N GLY A 202 26.66 -5.20 -2.27
CA GLY A 202 27.91 -5.69 -1.71
C GLY A 202 28.78 -4.63 -1.06
N GLY A 203 28.48 -3.36 -1.27
CA GLY A 203 29.26 -2.29 -0.68
C GLY A 203 28.61 -1.65 0.54
N GLN A 204 27.59 -2.31 1.10
CA GLN A 204 26.90 -1.76 2.26
C GLN A 204 27.81 -1.66 3.47
N ARG A 205 28.60 -2.72 3.73
CA ARG A 205 29.53 -2.76 4.85
C ARG A 205 28.81 -2.51 6.18
N SER A 206 27.77 -3.29 6.42
CA SER A 206 27.00 -3.20 7.65
C SER A 206 26.51 -4.59 8.01
N GLU A 207 25.66 -4.66 9.04
CA GLU A 207 25.09 -5.94 9.46
C GLU A 207 24.14 -6.46 8.38
N ARG A 208 24.29 -7.74 8.04
CA ARG A 208 23.48 -8.31 6.97
C ARG A 208 22.03 -8.54 7.40
N LYS A 209 21.83 -9.01 8.64
CA LYS A 209 20.49 -9.39 9.09
C LYS A 209 19.60 -8.19 9.40
N LYS A 210 20.14 -6.98 9.47
CA LYS A 210 19.34 -5.81 9.79
C LYS A 210 18.62 -5.22 8.58
N TRP A 211 18.99 -5.62 7.36
CA TRP A 211 18.32 -5.11 6.17
C TRP A 211 18.10 -6.18 5.11
N ILE A 212 18.37 -7.45 5.40
CA ILE A 212 18.19 -8.49 4.39
C ILE A 212 16.71 -8.75 4.13
N HIS A 213 15.84 -8.44 5.09
CA HIS A 213 14.41 -8.67 4.92
C HIS A 213 13.79 -7.74 3.88
N CYS A 214 14.48 -6.67 3.49
CA CYS A 214 13.95 -5.78 2.46
C CYS A 214 13.89 -6.47 1.11
N PHE A 215 14.87 -7.31 0.80
CA PHE A 215 14.91 -8.04 -0.48
C PHE A 215 14.20 -9.39 -0.36
N GLU A 216 12.95 -9.37 0.09
CA GLU A 216 12.19 -10.60 0.29
C GLU A 216 11.30 -10.96 -0.89
N GLY A 217 10.98 -10.01 -1.76
CA GLY A 217 10.12 -10.28 -2.89
C GLY A 217 10.86 -10.42 -4.20
N VAL A 218 12.17 -10.64 -4.13
CA VAL A 218 12.96 -10.78 -5.34
C VAL A 218 12.59 -12.07 -6.07
N THR A 219 12.60 -12.01 -7.41
CA THR A 219 12.26 -13.18 -8.20
C THR A 219 13.31 -14.28 -8.05
N ALA A 220 14.59 -13.92 -8.13
CA ALA A 220 15.67 -14.88 -8.03
C ALA A 220 16.90 -14.18 -7.47
N ILE A 221 17.90 -14.97 -7.13
CA ILE A 221 19.16 -14.48 -6.57
C ILE A 221 20.30 -14.97 -7.46
N ILE A 222 21.14 -14.05 -7.93
CA ILE A 222 22.29 -14.39 -8.74
C ILE A 222 23.52 -14.49 -7.83
N PHE A 223 24.23 -15.59 -7.92
CA PHE A 223 25.39 -15.86 -7.08
C PHE A 223 26.63 -16.04 -7.95
N CYS A 224 27.72 -15.37 -7.59
CA CYS A 224 28.98 -15.42 -8.33
C CYS A 224 30.02 -16.11 -7.48
N VAL A 225 30.64 -17.16 -8.03
CA VAL A 225 31.69 -17.92 -7.36
C VAL A 225 32.82 -18.14 -8.34
N ALA A 226 34.06 -17.93 -7.89
CA ALA A 226 35.25 -18.19 -8.68
C ALA A 226 35.83 -19.54 -8.27
N LEU A 227 35.92 -20.46 -9.22
CA LEU A 227 36.45 -21.79 -8.94
C LEU A 227 37.96 -21.88 -9.15
N SER A 228 38.61 -20.78 -9.49
CA SER A 228 40.06 -20.72 -9.62
C SER A 228 40.74 -20.16 -8.37
N ASP A 229 39.98 -20.00 -7.29
CA ASP A 229 40.51 -19.46 -6.04
C ASP A 229 40.77 -20.54 -4.99
N TYR A 230 40.94 -21.79 -5.43
CA TYR A 230 41.15 -22.91 -4.52
C TYR A 230 42.57 -22.99 -3.99
N ASP A 231 43.50 -22.18 -4.52
CA ASP A 231 44.87 -22.17 -4.05
C ASP A 231 45.27 -20.89 -3.33
N LEU A 232 44.60 -19.78 -3.58
CA LEU A 232 44.92 -18.53 -2.91
C LEU A 232 44.50 -18.59 -1.44
N VAL A 233 45.25 -17.91 -0.60
CA VAL A 233 44.99 -17.87 0.84
C VAL A 233 44.43 -16.50 1.20
N LEU A 234 43.58 -16.49 2.22
CA LEU A 234 42.97 -15.25 2.67
C LEU A 234 44.00 -14.34 3.33
N ALA A 235 43.83 -13.02 3.13
CA ALA A 235 44.74 -12.06 3.73
C ALA A 235 44.62 -12.06 5.24
N GLU A 236 43.40 -12.15 5.77
CA GLU A 236 43.20 -12.09 7.21
C GLU A 236 43.83 -13.28 7.91
N ASP A 237 43.62 -14.49 7.38
CA ASP A 237 44.17 -15.70 7.97
C ASP A 237 44.88 -16.50 6.88
N GLU A 238 46.14 -16.85 7.15
CA GLU A 238 46.92 -17.62 6.18
C GLU A 238 46.34 -19.02 5.99
N GLU A 239 45.92 -19.67 7.08
CA GLU A 239 45.38 -21.01 6.98
C GLU A 239 44.07 -21.04 6.19
N MET A 240 43.20 -20.06 6.42
CA MET A 240 41.93 -20.01 5.71
C MET A 240 42.17 -19.64 4.24
N ASN A 241 41.41 -20.28 3.36
CA ASN A 241 41.48 -20.03 1.93
C ASN A 241 40.19 -19.38 1.44
N ARG A 242 40.29 -18.74 0.28
CA ARG A 242 39.14 -18.03 -0.27
C ARG A 242 38.02 -18.99 -0.67
N MET A 243 38.36 -20.21 -1.05
CA MET A 243 37.34 -21.16 -1.52
C MET A 243 36.35 -21.52 -0.42
N HIS A 244 36.86 -21.75 0.79
CA HIS A 244 35.96 -22.10 1.90
C HIS A 244 35.11 -20.91 2.32
N GLU A 245 35.64 -19.69 2.20
CA GLU A 245 34.85 -18.50 2.53
C GLU A 245 33.64 -18.37 1.61
N SER A 246 33.84 -18.65 0.32
CA SER A 246 32.71 -18.64 -0.61
C SER A 246 31.70 -19.73 -0.26
N MET A 247 32.20 -20.91 0.14
CA MET A 247 31.31 -22.02 0.47
C MET A 247 30.43 -21.69 1.68
N LYS A 248 31.01 -21.11 2.72
CA LYS A 248 30.25 -20.82 3.92
C LYS A 248 29.25 -19.67 3.71
N LEU A 249 29.62 -18.68 2.88
CA LEU A 249 28.70 -17.59 2.60
C LEU A 249 27.52 -18.07 1.76
N PHE A 250 27.77 -19.00 0.84
CA PHE A 250 26.68 -19.58 0.05
C PHE A 250 25.72 -20.37 0.95
N ASP A 251 26.26 -21.10 1.92
CA ASP A 251 25.40 -21.88 2.82
C ASP A 251 24.50 -20.97 3.65
N SER A 252 25.04 -19.86 4.14
CA SER A 252 24.24 -18.93 4.94
C SER A 252 23.13 -18.30 4.11
N ILE A 253 23.43 -17.91 2.87
CA ILE A 253 22.43 -17.26 2.02
C ILE A 253 21.36 -18.25 1.60
N CYS A 254 21.76 -19.47 1.24
CA CYS A 254 20.81 -20.46 0.73
C CYS A 254 19.83 -20.90 1.81
N ASN A 255 20.28 -21.02 3.06
CA ASN A 255 19.45 -21.51 4.16
C ASN A 255 18.89 -20.38 5.00
N ASN A 256 18.72 -19.19 4.43
CA ASN A 256 18.15 -18.08 5.17
C ASN A 256 16.64 -18.27 5.35
N LYS A 257 16.11 -17.63 6.40
CA LYS A 257 14.69 -17.75 6.70
C LYS A 257 13.81 -16.93 5.77
N TRP A 258 14.37 -15.93 5.10
CA TRP A 258 13.60 -15.08 4.19
C TRP A 258 13.65 -15.58 2.74
N PHE A 259 14.47 -16.58 2.44
CA PHE A 259 14.64 -17.10 1.09
C PHE A 259 14.31 -18.59 1.03
N THR A 260 13.21 -18.98 1.67
CA THR A 260 12.81 -20.38 1.66
C THR A 260 12.37 -20.84 0.27
N ASP A 261 11.73 -19.97 -0.50
CA ASP A 261 11.22 -20.32 -1.82
C ASP A 261 11.81 -19.48 -2.94
N THR A 262 13.00 -18.92 -2.73
CA THR A 262 13.67 -18.09 -3.72
C THR A 262 14.72 -18.92 -4.44
N SER A 263 14.59 -19.01 -5.76
CA SER A 263 15.55 -19.76 -6.56
C SER A 263 16.90 -19.04 -6.59
N ILE A 264 17.96 -19.83 -6.70
CA ILE A 264 19.33 -19.33 -6.70
C ILE A 264 19.99 -19.70 -8.02
N ILE A 265 20.63 -18.72 -8.66
CA ILE A 265 21.40 -18.93 -9.88
C ILE A 265 22.88 -18.80 -9.52
N LEU A 266 23.65 -19.83 -9.82
CA LEU A 266 25.06 -19.90 -9.44
C LEU A 266 25.92 -19.80 -10.69
N PHE A 267 26.85 -18.85 -10.70
CA PHE A 267 27.79 -18.66 -11.79
C PHE A 267 29.19 -19.01 -11.32
N LEU A 268 29.90 -19.82 -12.10
CA LEU A 268 31.27 -20.20 -11.81
C LEU A 268 32.19 -19.39 -12.72
N ASN A 269 32.74 -18.31 -12.16
CA ASN A 269 33.56 -17.37 -12.92
C ASN A 269 35.02 -17.81 -12.94
N LYS A 270 35.77 -17.26 -13.90
CA LYS A 270 37.20 -17.49 -14.05
C LYS A 270 37.52 -18.98 -14.22
N LYS A 271 36.75 -19.64 -15.10
CA LYS A 271 36.98 -21.04 -15.39
C LYS A 271 38.12 -21.26 -16.37
N ASP A 272 38.57 -20.22 -17.07
CA ASP A 272 39.66 -20.39 -18.03
C ASP A 272 40.97 -20.66 -17.32
N LEU A 273 41.29 -19.89 -16.28
CA LEU A 273 42.54 -20.06 -15.56
C LEU A 273 42.56 -21.33 -14.72
N PHE A 274 41.40 -21.93 -14.47
CA PHE A 274 41.33 -23.14 -13.65
C PHE A 274 42.07 -24.30 -14.33
N GLU A 275 42.01 -24.38 -15.66
CA GLU A 275 42.65 -25.48 -16.37
C GLU A 275 44.16 -25.45 -16.19
N GLU A 276 44.78 -24.27 -16.30
CA GLU A 276 46.23 -24.19 -16.14
C GLU A 276 46.64 -24.39 -14.68
N LYS A 277 45.81 -23.94 -13.74
CA LYS A 277 46.15 -24.08 -12.33
C LYS A 277 46.02 -25.52 -11.84
N ILE A 278 45.20 -26.34 -12.51
CA ILE A 278 44.95 -27.69 -12.02
C ILE A 278 46.06 -28.67 -12.36
N LYS A 279 46.93 -28.34 -13.32
CA LYS A 279 47.99 -29.26 -13.70
C LYS A 279 49.26 -29.08 -12.87
N LYS A 280 49.63 -27.84 -12.56
CA LYS A 280 50.81 -27.61 -11.73
C LYS A 280 50.55 -27.96 -10.27
N SER A 281 49.37 -27.59 -9.76
CA SER A 281 49.02 -27.85 -8.37
C SER A 281 47.71 -28.61 -8.31
N PRO A 282 47.68 -29.80 -7.72
CA PRO A 282 46.41 -30.54 -7.59
C PRO A 282 45.47 -29.86 -6.61
N LEU A 283 44.19 -30.15 -6.79
CA LEU A 283 43.13 -29.58 -5.95
C LEU A 283 42.98 -30.31 -4.62
N THR A 284 43.93 -31.20 -4.27
CA THR A 284 43.85 -31.91 -3.00
C THR A 284 44.06 -30.99 -1.81
N ILE A 285 44.65 -29.81 -2.01
CA ILE A 285 44.86 -28.87 -0.91
C ILE A 285 43.52 -28.40 -0.35
N CYS A 286 42.59 -28.04 -1.24
CA CYS A 286 41.28 -27.59 -0.79
C CYS A 286 40.45 -28.76 -0.27
N TYR A 287 40.46 -29.88 -0.98
CA TYR A 287 39.70 -31.07 -0.58
C TYR A 287 40.67 -32.24 -0.40
N PRO A 288 41.09 -32.53 0.84
CA PRO A 288 42.02 -33.64 1.07
C PRO A 288 41.39 -35.02 0.97
N GLU A 289 40.07 -35.10 0.81
CA GLU A 289 39.37 -36.37 0.69
C GLU A 289 38.88 -36.63 -0.72
N TYR A 290 39.58 -36.09 -1.72
CA TYR A 290 39.22 -36.23 -3.12
C TYR A 290 40.29 -37.02 -3.85
N ALA A 291 39.87 -38.01 -4.64
CA ALA A 291 40.77 -38.85 -5.42
C ALA A 291 40.16 -38.99 -6.82
N GLY A 292 40.56 -38.11 -7.73
CA GLY A 292 40.03 -38.12 -9.08
C GLY A 292 41.09 -38.30 -10.14
N SER A 293 40.75 -37.97 -11.39
CA SER A 293 41.67 -38.11 -12.51
C SER A 293 42.55 -36.88 -12.70
N ASN A 294 42.42 -35.86 -11.85
CA ASN A 294 43.20 -34.64 -11.94
C ASN A 294 43.04 -33.96 -13.30
N THR A 295 41.82 -34.00 -13.83
CA THR A 295 41.49 -33.35 -15.09
C THR A 295 40.48 -32.23 -14.84
N TYR A 296 40.34 -31.36 -15.84
CA TYR A 296 39.46 -30.21 -15.69
C TYR A 296 37.99 -30.65 -15.53
N GLU A 297 37.56 -31.64 -16.31
CA GLU A 297 36.17 -32.05 -16.28
C GLU A 297 35.78 -32.65 -14.94
N GLU A 298 36.60 -33.58 -14.43
CA GLU A 298 36.29 -34.22 -13.15
C GLU A 298 36.37 -33.22 -12.01
N ALA A 299 37.38 -32.34 -12.03
CA ALA A 299 37.52 -31.35 -10.96
C ALA A 299 36.34 -30.38 -10.95
N ALA A 300 35.92 -29.92 -12.13
CA ALA A 300 34.79 -28.99 -12.19
C ALA A 300 33.50 -29.63 -11.69
N ALA A 301 33.27 -30.89 -12.08
CA ALA A 301 32.06 -31.59 -11.62
C ALA A 301 32.07 -31.78 -10.11
N TYR A 302 33.23 -32.11 -9.54
CA TYR A 302 33.33 -32.30 -8.10
C TYR A 302 33.04 -31.01 -7.35
N ILE A 303 33.55 -29.88 -7.85
CA ILE A 303 33.29 -28.59 -7.21
C ILE A 303 31.81 -28.24 -7.29
N GLN A 304 31.20 -28.47 -8.45
CA GLN A 304 29.78 -28.16 -8.61
C GLN A 304 28.92 -28.99 -7.67
N CYS A 305 29.26 -30.27 -7.50
CA CYS A 305 28.50 -31.13 -6.59
C CYS A 305 28.64 -30.65 -5.14
N GLN A 306 29.83 -30.20 -4.75
CA GLN A 306 30.04 -29.73 -3.38
C GLN A 306 29.18 -28.51 -3.08
N PHE A 307 29.11 -27.57 -4.02
CA PHE A 307 28.29 -26.37 -3.80
C PHE A 307 26.81 -26.70 -3.80
N GLU A 308 26.39 -27.61 -4.69
CA GLU A 308 24.98 -28.00 -4.76
C GLU A 308 24.54 -28.84 -3.57
N ASP A 309 25.47 -29.52 -2.90
CA ASP A 309 25.13 -30.32 -1.73
C ASP A 309 24.78 -29.47 -0.51
N LEU A 310 25.11 -28.18 -0.53
CA LEU A 310 24.81 -27.31 0.60
C LEU A 310 23.32 -27.04 0.75
N ASN A 311 22.52 -27.29 -0.29
CA ASN A 311 21.09 -27.08 -0.22
C ASN A 311 20.47 -28.02 0.80
N LYS A 312 19.58 -27.48 1.63
CA LYS A 312 18.93 -28.26 2.68
C LYS A 312 17.43 -28.44 2.46
N ARG A 313 16.86 -27.80 1.45
CA ARG A 313 15.44 -27.95 1.16
C ARG A 313 15.19 -29.05 0.14
N LYS A 314 15.75 -28.89 -1.07
CA LYS A 314 15.69 -29.86 -2.15
C LYS A 314 14.26 -30.11 -2.66
N ASP A 315 13.29 -29.38 -2.15
CA ASP A 315 11.90 -29.57 -2.56
C ASP A 315 11.23 -28.28 -3.00
N THR A 316 11.56 -27.15 -2.36
CA THR A 316 10.96 -25.87 -2.70
C THR A 316 11.90 -24.91 -3.40
N LYS A 317 13.20 -25.16 -3.37
CA LYS A 317 14.20 -24.28 -3.98
C LYS A 317 14.98 -25.05 -5.03
N GLU A 318 15.18 -24.44 -6.19
CA GLU A 318 15.96 -25.01 -7.27
C GLU A 318 17.20 -24.16 -7.51
N ILE A 319 18.33 -24.83 -7.74
CA ILE A 319 19.61 -24.16 -7.96
C ILE A 319 20.07 -24.44 -9.39
N TYR A 320 20.34 -23.38 -10.13
CA TYR A 320 20.81 -23.47 -11.50
C TYR A 320 22.30 -23.14 -11.55
N THR A 321 23.08 -24.05 -12.14
CA THR A 321 24.52 -23.90 -12.23
C THR A 321 24.93 -23.68 -13.69
N HIS A 322 25.86 -22.75 -13.91
CA HIS A 322 26.30 -22.43 -15.25
C HIS A 322 27.77 -22.01 -15.21
N PHE A 323 28.48 -22.31 -16.29
CA PHE A 323 29.88 -21.93 -16.45
C PHE A 323 29.94 -20.70 -17.37
N THR A 324 30.54 -19.64 -16.88
CA THR A 324 30.59 -18.40 -17.66
C THR A 324 31.54 -18.55 -18.84
N CYS A 325 31.08 -18.12 -20.01
CA CYS A 325 31.86 -18.19 -21.24
C CYS A 325 32.39 -16.81 -21.61
N ALA A 326 33.29 -16.80 -22.60
CA ALA A 326 33.86 -15.53 -23.05
C ALA A 326 32.79 -14.62 -23.65
N THR A 327 31.90 -15.18 -24.46
CA THR A 327 30.82 -14.39 -25.05
C THR A 327 29.77 -14.06 -24.00
N ASP A 328 29.05 -12.96 -24.22
CA ASP A 328 28.06 -12.48 -23.28
C ASP A 328 26.64 -12.95 -23.61
N THR A 329 26.39 -13.41 -24.83
CA THR A 329 25.04 -13.82 -25.22
C THR A 329 24.57 -15.02 -24.41
N LYS A 330 25.45 -16.00 -24.18
CA LYS A 330 25.05 -17.20 -23.44
C LYS A 330 24.68 -16.87 -22.00
N ASN A 331 25.43 -15.97 -21.36
CA ASN A 331 25.16 -15.64 -19.97
C ASN A 331 23.79 -14.98 -19.81
N VAL A 332 23.45 -14.05 -20.71
CA VAL A 332 22.14 -13.39 -20.64
C VAL A 332 21.04 -14.38 -21.00
N GLN A 333 21.29 -15.27 -21.96
CA GLN A 333 20.29 -16.26 -22.34
C GLN A 333 19.97 -17.20 -21.19
N PHE A 334 21.00 -17.63 -20.45
CA PHE A 334 20.78 -18.52 -19.32
C PHE A 334 19.95 -17.83 -18.23
N VAL A 335 20.22 -16.56 -17.96
CA VAL A 335 19.43 -15.81 -16.97
C VAL A 335 17.99 -15.68 -17.45
N PHE A 336 17.79 -15.39 -18.73
CA PHE A 336 16.43 -15.26 -19.27
C PHE A 336 15.68 -16.59 -19.17
N ASP A 337 16.35 -17.70 -19.48
CA ASP A 337 15.71 -19.01 -19.36
C ASP A 337 15.37 -19.34 -17.91
N ALA A 338 16.28 -19.01 -16.99
CA ALA A 338 16.06 -19.35 -15.57
C ALA A 338 14.87 -18.58 -15.00
N VAL A 339 14.79 -17.28 -15.29
CA VAL A 339 13.70 -16.47 -14.73
C VAL A 339 12.36 -16.85 -15.36
N THR A 340 12.36 -17.27 -16.62
CA THR A 340 11.12 -17.69 -17.27
C THR A 340 10.53 -18.92 -16.57
N ASP A 341 11.39 -19.89 -16.24
CA ASP A 341 10.92 -21.07 -15.52
C ASP A 341 10.39 -20.71 -14.13
N VAL A 342 11.07 -19.78 -13.45
CA VAL A 342 10.62 -19.36 -12.13
C VAL A 342 9.26 -18.68 -12.21
N ILE A 343 9.05 -17.84 -13.23
CA ILE A 343 7.79 -17.11 -13.37
C ILE A 343 6.64 -18.08 -13.58
N ILE A 344 6.83 -19.10 -14.43
CA ILE A 344 5.76 -20.05 -14.71
C ILE A 344 5.44 -20.87 -13.46
N LYS A 345 6.45 -21.24 -12.69
CA LYS A 345 6.20 -21.98 -11.46
C LYS A 345 5.35 -21.16 -10.49
N ASN A 346 5.64 -19.86 -10.38
CA ASN A 346 4.81 -18.99 -9.56
C ASN A 346 3.40 -18.86 -10.14
N ASN A 347 3.29 -18.77 -11.47
CA ASN A 347 1.98 -18.64 -12.10
C ASN A 347 1.13 -19.88 -11.87
N LEU A 348 1.74 -21.07 -11.96
CA LEU A 348 1.00 -22.31 -11.74
C LEU A 348 0.49 -22.38 -10.30
N LYS A 349 1.33 -21.98 -9.33
CA LYS A 349 0.91 -22.00 -7.94
C LYS A 349 -0.19 -20.99 -7.67
N ASP A 350 -0.12 -19.81 -8.31
CA ASP A 350 -1.10 -18.77 -8.06
C ASP A 350 -2.49 -19.17 -8.54
N CYS A 351 -2.57 -19.82 -9.70
CA CYS A 351 -3.86 -20.20 -10.28
C CYS A 351 -4.39 -21.51 -9.70
N GLY A 352 -3.64 -22.18 -8.83
CA GLY A 352 -4.10 -23.40 -8.21
C GLY A 352 -4.07 -24.62 -9.10
N LEU A 353 -3.40 -24.56 -10.25
CA LEU A 353 -3.32 -25.68 -11.17
C LEU A 353 -2.21 -26.66 -10.80
N PHE A 354 -1.37 -26.32 -9.82
CA PHE A 354 -0.29 -27.22 -9.40
C PHE A 354 -0.12 -27.16 -7.88
N GLY B 17 52.03 -5.32 24.98
CA GLY B 17 53.05 -4.59 25.72
C GLY B 17 52.65 -4.27 27.15
N SER B 18 53.61 -3.78 27.93
CA SER B 18 53.33 -3.44 29.32
C SER B 18 52.34 -2.28 29.42
N GLU B 19 52.47 -1.29 28.54
CA GLU B 19 51.54 -0.16 28.54
C GLU B 19 50.13 -0.61 28.22
N LEU B 20 49.98 -1.54 27.28
CA LEU B 20 48.65 -2.04 26.93
C LEU B 20 48.00 -2.75 28.13
N ASP B 21 48.76 -3.57 28.83
CA ASP B 21 48.20 -4.31 29.96
C ASP B 21 47.78 -3.38 31.09
N GLN B 22 48.60 -2.37 31.40
CA GLN B 22 48.29 -1.47 32.51
C GLN B 22 47.10 -0.58 32.18
N LEU B 23 46.94 -0.20 30.92
CA LEU B 23 45.80 0.62 30.54
C LEU B 23 44.50 -0.18 30.55
N ARG B 24 44.57 -1.45 30.12
CA ARG B 24 43.40 -2.30 30.17
C ARG B 24 42.94 -2.56 31.60
N GLN B 25 43.90 -2.74 32.51
CA GLN B 25 43.55 -2.93 33.92
C GLN B 25 42.88 -1.69 34.50
N GLU B 26 43.35 -0.50 34.11
CA GLU B 26 42.74 0.73 34.59
C GLU B 26 41.29 0.85 34.13
N ALA B 27 41.02 0.47 32.88
CA ALA B 27 39.65 0.54 32.37
C ALA B 27 38.73 -0.42 33.14
N GLU B 28 39.25 -1.61 33.49
CA GLU B 28 38.43 -2.59 34.19
C GLU B 28 38.01 -2.09 35.57
N GLN B 29 38.93 -1.45 36.30
CA GLN B 29 38.63 -1.05 37.67
C GLN B 29 37.69 0.16 37.72
N LEU B 30 37.68 0.99 36.66
CA LEU B 30 36.65 2.02 36.56
C LEU B 30 35.27 1.40 36.42
N LYS B 31 35.16 0.32 35.63
CA LYS B 31 33.87 -0.35 35.45
C LYS B 31 33.35 -0.92 36.77
N ASN B 32 34.24 -1.51 37.57
CA ASN B 32 33.84 -2.01 38.88
C ASN B 32 33.37 -0.89 39.78
N GLN B 33 34.06 0.26 39.76
CA GLN B 33 33.64 1.40 40.56
C GLN B 33 32.30 1.94 40.10
N ILE B 34 32.06 1.96 38.78
CA ILE B 34 30.78 2.41 38.26
C ILE B 34 29.66 1.49 38.72
N ARG B 35 29.89 0.18 38.65
CA ARG B 35 28.87 -0.78 39.09
C ARG B 35 28.58 -0.64 40.59
N ASP B 36 29.63 -0.47 41.40
CA ASP B 36 29.44 -0.31 42.84
C ASP B 36 28.66 0.97 43.15
N ALA B 37 28.98 2.06 42.47
CA ALA B 37 28.26 3.31 42.69
C ALA B 37 26.80 3.20 42.29
N ARG B 38 26.52 2.55 41.16
CA ARG B 38 25.14 2.39 40.71
C ARG B 38 24.33 1.53 41.68
N LYS B 39 24.93 0.45 42.18
CA LYS B 39 24.22 -0.44 43.09
C LYS B 39 24.02 0.15 44.47
N ALA B 40 24.81 1.17 44.84
CA ALA B 40 24.71 1.74 46.17
C ALA B 40 23.42 2.52 46.37
N CYS B 41 22.87 3.10 45.30
CA CYS B 41 21.69 3.94 45.38
C CYS B 41 20.41 3.19 45.08
N ALA B 42 20.46 1.87 44.89
CA ALA B 42 19.28 1.06 44.63
C ALA B 42 18.62 0.68 45.96
N ASP B 43 18.07 1.71 46.62
CA ASP B 43 17.47 1.51 47.93
C ASP B 43 16.09 0.85 47.84
N ALA B 44 15.34 1.16 46.79
CA ALA B 44 13.99 0.66 46.64
C ALA B 44 13.69 0.48 45.16
N THR B 45 12.59 -0.22 44.89
CA THR B 45 12.14 -0.49 43.53
C THR B 45 10.87 0.30 43.23
N LEU B 46 10.66 0.56 41.93
CA LEU B 46 9.46 1.28 41.50
C LEU B 46 8.20 0.47 41.74
N SER B 47 8.30 -0.87 41.70
CA SER B 47 7.13 -1.70 41.92
C SER B 47 6.57 -1.52 43.33
N GLN B 48 7.44 -1.43 44.34
CA GLN B 48 6.97 -1.25 45.71
C GLN B 48 6.26 0.09 45.88
N ILE B 49 6.76 1.14 45.23
CA ILE B 49 6.15 2.46 45.37
C ILE B 49 4.78 2.49 44.70
N THR B 50 4.66 1.87 43.53
CA THR B 50 3.42 1.88 42.76
C THR B 50 2.52 0.69 43.04
N ASN B 51 2.78 -0.06 44.11
CA ASN B 51 1.93 -1.19 44.47
C ASN B 51 0.60 -0.76 45.09
N ASN B 52 0.44 0.53 45.42
CA ASN B 52 -0.76 1.01 46.07
C ASN B 52 -1.77 1.64 45.11
N ILE B 53 -1.34 2.06 43.93
CA ILE B 53 -2.26 2.69 42.98
C ILE B 53 -3.23 1.65 42.44
N ASP B 54 -4.43 2.11 42.10
CA ASP B 54 -5.43 1.22 41.52
C ASP B 54 -5.11 0.90 40.06
N PRO B 55 -5.13 -0.37 39.67
CA PRO B 55 -4.83 -0.71 38.27
C PRO B 55 -5.89 -0.13 37.33
N VAL B 56 -5.44 0.27 36.14
CA VAL B 56 -6.36 0.77 35.13
C VAL B 56 -7.17 -0.39 34.56
N GLY B 57 -8.38 -0.11 34.13
CA GLY B 57 -9.24 -1.12 33.54
C GLY B 57 -8.78 -1.52 32.16
N ARG B 58 -9.49 -2.50 31.60
CA ARG B 58 -9.19 -2.98 30.26
C ARG B 58 -9.38 -1.85 29.25
N ILE B 59 -8.39 -1.68 28.37
CA ILE B 59 -8.39 -0.61 27.39
C ILE B 59 -8.85 -1.19 26.06
N GLN B 60 -9.96 -0.67 25.53
CA GLN B 60 -10.54 -1.11 24.28
C GLN B 60 -10.46 0.01 23.25
N MET B 61 -9.89 -0.31 22.08
CA MET B 61 -9.79 0.65 20.99
C MET B 61 -10.37 0.03 19.73
N ARG B 62 -10.94 0.88 18.87
CA ARG B 62 -11.55 0.46 17.62
C ARG B 62 -10.99 1.32 16.48
N THR B 63 -10.95 0.74 15.28
CA THR B 63 -10.46 1.44 14.11
C THR B 63 -11.51 2.42 13.63
N ARG B 64 -11.19 3.72 13.68
CA ARG B 64 -12.09 4.75 13.21
C ARG B 64 -11.91 5.06 11.73
N ARG B 65 -10.66 5.05 11.26
CA ARG B 65 -10.35 5.28 9.86
C ARG B 65 -9.39 4.20 9.37
N THR B 66 -9.54 3.84 8.09
CA THR B 66 -8.65 2.90 7.43
C THR B 66 -8.03 3.60 6.23
N LEU B 67 -6.70 3.65 6.19
CA LEU B 67 -5.96 4.38 5.17
C LEU B 67 -5.35 3.37 4.21
N ARG B 68 -5.84 3.36 2.98
CA ARG B 68 -5.37 2.44 1.96
C ARG B 68 -4.86 3.20 0.75
N GLY B 69 -3.96 2.58 -0.01
CA GLY B 69 -3.36 3.21 -1.17
C GLY B 69 -1.91 2.83 -1.35
N HIS B 70 -1.30 2.23 -0.34
CA HIS B 70 0.06 1.74 -0.43
C HIS B 70 0.08 0.35 -1.06
N LEU B 71 1.14 0.06 -1.81
CA LEU B 71 1.29 -1.20 -2.52
C LEU B 71 2.58 -1.92 -2.13
N ALA B 72 3.09 -1.65 -0.92
CA ALA B 72 4.32 -2.28 -0.44
C ALA B 72 4.35 -2.17 1.07
N LYS B 73 5.37 -2.78 1.67
CA LYS B 73 5.51 -2.76 3.11
C LYS B 73 5.74 -1.34 3.61
N ILE B 74 5.05 -0.97 4.69
CA ILE B 74 5.18 0.34 5.29
C ILE B 74 6.24 0.26 6.39
N TYR B 75 7.23 1.16 6.33
CA TYR B 75 8.37 1.10 7.23
C TYR B 75 8.44 2.24 8.23
N ALA B 76 7.77 3.37 7.98
CA ALA B 76 7.85 4.50 8.89
C ALA B 76 6.62 5.38 8.75
N MET B 77 6.37 6.16 9.79
CA MET B 77 5.29 7.14 9.80
C MET B 77 5.58 8.16 10.88
N HIS B 78 4.92 9.32 10.79
CA HIS B 78 5.13 10.38 11.76
C HIS B 78 3.93 11.31 11.76
N TRP B 79 3.37 11.55 12.94
CA TRP B 79 2.22 12.44 13.06
C TRP B 79 2.65 13.89 12.85
N GLY B 80 1.69 14.72 12.41
CA GLY B 80 1.94 16.13 12.24
C GLY B 80 1.88 16.89 13.55
N THR B 81 2.32 18.15 13.49
CA THR B 81 2.32 19.00 14.67
C THR B 81 0.93 19.48 15.05
N ASP B 82 -0.03 19.45 14.12
CA ASP B 82 -1.40 19.86 14.38
C ASP B 82 -2.30 18.69 14.74
N SER B 83 -1.75 17.47 14.82
CA SER B 83 -2.50 16.27 15.18
C SER B 83 -3.64 16.00 14.20
N ARG B 84 -3.48 16.43 12.96
CA ARG B 84 -4.48 16.17 11.92
C ARG B 84 -3.86 15.52 10.68
N LEU B 85 -2.65 15.90 10.30
CA LEU B 85 -1.98 15.34 9.15
C LEU B 85 -0.88 14.37 9.58
N LEU B 86 -0.55 13.46 8.68
CA LEU B 86 0.51 12.49 8.92
C LEU B 86 1.13 12.09 7.59
N VAL B 87 2.32 11.50 7.67
CA VAL B 87 3.07 11.07 6.49
C VAL B 87 3.42 9.60 6.65
N SER B 88 3.46 8.88 5.53
CA SER B 88 3.77 7.45 5.52
C SER B 88 4.79 7.17 4.44
N ALA B 89 5.66 6.19 4.70
CA ALA B 89 6.70 5.79 3.75
C ALA B 89 6.61 4.29 3.53
N SER B 90 6.66 3.88 2.26
CA SER B 90 6.61 2.48 1.88
C SER B 90 7.74 2.17 0.90
N GLN B 91 7.92 0.89 0.60
CA GLN B 91 9.01 0.46 -0.26
C GLN B 91 8.69 0.56 -1.74
N ASP B 92 7.46 0.95 -2.09
CA ASP B 92 7.12 1.15 -3.50
C ASP B 92 7.69 2.43 -4.09
N GLY B 93 8.24 3.30 -3.26
CA GLY B 93 8.83 4.54 -3.72
C GLY B 93 7.93 5.75 -3.70
N LYS B 94 6.99 5.81 -2.74
CA LYS B 94 6.06 6.92 -2.64
C LYS B 94 5.99 7.43 -1.22
N LEU B 95 5.78 8.75 -1.10
CA LEU B 95 5.60 9.41 0.20
C LEU B 95 4.26 10.13 0.16
N ILE B 96 3.31 9.66 0.96
CA ILE B 96 1.93 10.12 0.91
C ILE B 96 1.60 10.86 2.20
N ILE B 97 1.02 12.04 2.07
CA ILE B 97 0.54 12.83 3.20
C ILE B 97 -0.96 12.59 3.33
N TRP B 98 -1.40 12.17 4.51
CA TRP B 98 -2.78 11.79 4.75
C TRP B 98 -3.47 12.82 5.63
N ASP B 99 -4.73 13.13 5.29
CA ASP B 99 -5.60 13.90 6.17
C ASP B 99 -6.43 12.91 6.99
N SER B 100 -6.09 12.79 8.28
CA SER B 100 -6.69 11.75 9.10
C SER B 100 -8.17 11.98 9.38
N TYR B 101 -8.64 13.22 9.28
CA TYR B 101 -10.04 13.49 9.60
C TYR B 101 -10.97 13.00 8.49
N THR B 102 -10.60 13.22 7.23
CA THR B 102 -11.47 12.91 6.09
C THR B 102 -10.86 11.87 5.15
N THR B 103 -9.74 11.25 5.52
CA THR B 103 -9.07 10.18 4.79
C THR B 103 -8.49 10.68 3.45
N ASN B 104 -8.76 11.93 3.08
CA ASN B 104 -8.31 12.45 1.80
C ASN B 104 -6.79 12.57 1.75
N LYS B 105 -6.24 12.47 0.55
CA LYS B 105 -4.81 12.58 0.32
C LYS B 105 -4.47 14.00 -0.10
N VAL B 106 -3.46 14.59 0.54
CA VAL B 106 -3.03 15.95 0.27
C VAL B 106 -1.87 15.99 -0.72
N HIS B 107 -0.88 15.13 -0.54
CA HIS B 107 0.30 15.12 -1.40
C HIS B 107 0.75 13.68 -1.62
N ALA B 108 1.45 13.47 -2.73
CA ALA B 108 2.05 12.18 -3.06
C ALA B 108 3.43 12.45 -3.64
N ILE B 109 4.47 12.18 -2.87
CA ILE B 109 5.84 12.55 -3.21
C ILE B 109 6.56 11.32 -3.74
N PRO B 110 6.96 11.29 -5.01
CA PRO B 110 7.81 10.20 -5.50
C PRO B 110 9.20 10.29 -4.89
N LEU B 111 9.84 9.14 -4.77
CA LEU B 111 11.17 9.03 -4.19
C LEU B 111 12.17 8.54 -5.23
N ARG B 112 13.38 9.10 -5.18
CA ARG B 112 14.43 8.68 -6.11
C ARG B 112 14.87 7.24 -5.85
N SER B 113 14.91 6.83 -4.58
CA SER B 113 15.30 5.47 -4.21
C SER B 113 14.09 4.75 -3.63
N SER B 114 13.83 3.54 -4.16
CA SER B 114 12.67 2.77 -3.71
C SER B 114 12.86 2.21 -2.31
N TRP B 115 14.10 2.15 -1.82
CA TRP B 115 14.40 1.62 -0.49
C TRP B 115 14.50 2.77 0.49
N VAL B 116 13.53 2.85 1.40
CA VAL B 116 13.50 3.89 2.44
C VAL B 116 13.20 3.23 3.77
N MET B 117 13.86 3.71 4.83
CA MET B 117 13.72 3.13 6.16
C MET B 117 13.20 4.10 7.21
N THR B 118 13.18 5.40 6.94
CA THR B 118 12.76 6.37 7.94
C THR B 118 12.15 7.59 7.25
N CYS B 119 11.32 8.31 8.01
CA CYS B 119 10.74 9.55 7.53
C CYS B 119 10.47 10.46 8.74
N ALA B 120 10.36 11.76 8.47
CA ALA B 120 10.14 12.73 9.53
C ALA B 120 9.32 13.89 8.99
N TYR B 121 8.60 14.56 9.90
CA TYR B 121 7.77 15.70 9.58
C TYR B 121 8.24 16.89 10.40
N ALA B 122 8.44 18.03 9.75
CA ALA B 122 8.98 19.19 10.42
C ALA B 122 7.98 19.73 11.45
N PRO B 123 8.48 20.24 12.59
CA PRO B 123 7.56 20.81 13.59
C PRO B 123 6.81 22.04 13.09
N SER B 124 7.34 22.75 12.10
CA SER B 124 6.68 23.92 11.53
C SER B 124 5.74 23.56 10.39
N GLY B 125 5.75 22.31 9.93
CA GLY B 125 4.86 21.88 8.87
C GLY B 125 5.28 22.28 7.47
N ASN B 126 6.50 22.79 7.29
CA ASN B 126 6.95 23.26 6.00
C ASN B 126 7.79 22.24 5.23
N TYR B 127 8.47 21.34 5.93
CA TYR B 127 9.41 20.42 5.31
C TYR B 127 9.12 18.99 5.74
N VAL B 128 9.56 18.04 4.90
CA VAL B 128 9.47 16.61 5.20
C VAL B 128 10.80 15.97 4.83
N ALA B 129 11.33 15.14 5.72
CA ALA B 129 12.61 14.47 5.51
C ALA B 129 12.39 12.97 5.33
N CYS B 130 13.22 12.37 4.48
CA CYS B 130 13.15 10.94 4.22
C CYS B 130 14.53 10.43 3.84
N GLY B 131 14.72 9.12 3.99
CA GLY B 131 15.99 8.50 3.66
C GLY B 131 16.03 7.08 4.15
N GLY B 132 17.15 6.42 3.84
CA GLY B 132 17.37 5.06 4.30
C GLY B 132 17.99 4.15 3.25
N LEU B 133 19.04 3.43 3.65
CA LEU B 133 19.73 2.45 2.80
C LEU B 133 20.31 3.09 1.54
N ASP B 134 20.43 4.42 1.52
CA ASP B 134 21.04 5.12 0.39
C ASP B 134 22.10 6.13 0.82
N ASN B 135 22.41 6.21 2.11
CA ASN B 135 23.45 7.08 2.67
C ASN B 135 23.15 8.56 2.48
N ILE B 136 21.94 8.91 2.04
CA ILE B 136 21.56 10.29 1.75
C ILE B 136 20.22 10.58 2.40
N CYS B 137 20.12 11.74 3.05
CA CYS B 137 18.89 12.22 3.65
C CYS B 137 18.36 13.36 2.78
N SER B 138 17.11 13.24 2.33
CA SER B 138 16.50 14.19 1.42
C SER B 138 15.46 15.03 2.14
N ILE B 139 15.46 16.34 1.86
CA ILE B 139 14.51 17.29 2.44
C ILE B 139 13.61 17.79 1.33
N TYR B 140 12.30 17.76 1.58
CA TYR B 140 11.30 18.20 0.61
C TYR B 140 10.51 19.37 1.19
N ASN B 141 10.26 20.37 0.35
CA ASN B 141 9.52 21.56 0.75
C ASN B 141 8.05 21.41 0.36
N LEU B 142 7.16 21.65 1.31
CA LEU B 142 5.73 21.50 1.07
C LEU B 142 5.06 22.79 0.62
N LYS B 143 5.47 23.92 1.19
CA LYS B 143 4.88 25.23 0.86
C LYS B 143 5.73 25.86 -0.23
N THR B 144 5.31 25.68 -1.48
CA THR B 144 6.04 26.16 -2.65
C THR B 144 5.13 27.06 -3.48
N ARG B 145 5.70 28.16 -4.00
CA ARG B 145 4.91 29.10 -4.78
C ARG B 145 4.38 28.45 -6.05
N GLU B 146 5.19 27.62 -6.70
CA GLU B 146 4.77 26.95 -7.93
C GLU B 146 3.68 25.90 -7.69
N GLY B 147 3.41 25.53 -6.44
CA GLY B 147 2.33 24.63 -6.12
C GLY B 147 2.69 23.16 -6.10
N ASN B 148 3.92 22.81 -6.41
CA ASN B 148 4.38 21.42 -6.39
C ASN B 148 5.29 21.20 -5.18
N VAL B 149 5.83 19.99 -5.10
CA VAL B 149 6.76 19.60 -4.04
C VAL B 149 8.11 19.29 -4.69
N ARG B 150 9.16 19.96 -4.22
CA ARG B 150 10.49 19.81 -4.77
C ARG B 150 11.50 19.57 -3.66
N VAL B 151 12.57 18.85 -4.00
CA VAL B 151 13.63 18.61 -3.04
C VAL B 151 14.44 19.89 -2.84
N SER B 152 14.84 20.14 -1.60
CA SER B 152 15.56 21.36 -1.25
C SER B 152 17.00 21.13 -0.84
N ARG B 153 17.31 20.01 -0.21
CA ARG B 153 18.68 19.75 0.27
C ARG B 153 18.87 18.26 0.44
N GLU B 154 20.00 17.74 -0.06
CA GLU B 154 20.39 16.35 0.12
C GLU B 154 21.65 16.31 0.98
N LEU B 155 21.57 15.59 2.09
CA LEU B 155 22.68 15.49 3.04
C LEU B 155 23.37 14.14 2.87
N ALA B 156 24.68 14.17 2.65
CA ALA B 156 25.46 12.97 2.42
C ALA B 156 26.74 13.03 3.25
N GLY B 157 27.32 11.85 3.50
CA GLY B 157 28.52 11.75 4.28
C GLY B 157 28.57 10.52 5.17
N HIS B 158 27.44 9.85 5.34
CA HIS B 158 27.39 8.63 6.13
C HIS B 158 27.89 7.44 5.30
N THR B 159 28.32 6.40 6.01
CA THR B 159 28.84 5.19 5.38
C THR B 159 27.98 3.97 5.71
N GLY B 160 26.70 4.20 6.02
CA GLY B 160 25.80 3.11 6.34
C GLY B 160 24.36 3.56 6.23
N TYR B 161 23.46 2.57 6.21
CA TYR B 161 22.04 2.85 6.07
C TYR B 161 21.55 3.70 7.24
N LEU B 162 20.76 4.73 6.91
CA LEU B 162 20.19 5.59 7.94
C LEU B 162 19.02 4.90 8.61
N SER B 163 18.99 4.93 9.95
CA SER B 163 17.95 4.28 10.72
C SER B 163 16.88 5.24 11.23
N CYS B 164 17.23 6.49 11.47
CA CYS B 164 16.26 7.45 11.99
C CYS B 164 16.73 8.86 11.65
N CYS B 165 15.80 9.81 11.72
CA CYS B 165 16.08 11.21 11.48
C CYS B 165 14.96 12.04 12.08
N ARG B 166 15.32 13.08 12.84
CA ARG B 166 14.35 13.94 13.50
C ARG B 166 14.75 15.39 13.33
N PHE B 167 13.76 16.24 13.10
CA PHE B 167 13.99 17.67 12.90
C PHE B 167 14.18 18.34 14.25
N LEU B 168 15.39 18.85 14.49
CA LEU B 168 15.63 19.66 15.69
C LEU B 168 14.85 20.97 15.62
N ASP B 169 14.99 21.69 14.51
CA ASP B 169 14.24 22.91 14.28
C ASP B 169 14.06 23.06 12.76
N ASP B 170 13.71 24.25 12.32
CA ASP B 170 13.51 24.49 10.89
C ASP B 170 14.82 24.53 10.10
N ASN B 171 15.97 24.53 10.79
CA ASN B 171 17.27 24.64 10.12
C ASN B 171 18.24 23.54 10.47
N GLN B 172 18.00 22.76 11.52
CA GLN B 172 18.92 21.70 11.94
C GLN B 172 18.19 20.37 12.02
N ILE B 173 18.92 19.30 11.75
CA ILE B 173 18.39 17.94 11.76
C ILE B 173 19.47 17.00 12.28
N VAL B 174 19.05 15.97 13.01
CA VAL B 174 19.96 14.98 13.57
C VAL B 174 19.58 13.61 13.00
N THR B 175 20.58 12.86 12.56
CA THR B 175 20.37 11.56 11.95
C THR B 175 21.31 10.53 12.58
N SER B 176 20.90 9.26 12.49
CA SER B 176 21.71 8.15 12.95
C SER B 176 21.85 7.13 11.82
N SER B 177 23.06 6.62 11.65
CA SER B 177 23.38 5.71 10.56
C SER B 177 23.82 4.35 11.12
N GLY B 178 24.03 3.41 10.21
CA GLY B 178 24.45 2.07 10.55
C GLY B 178 25.94 1.88 10.76
N ASP B 179 26.73 2.95 10.65
CA ASP B 179 28.17 2.88 10.86
C ASP B 179 28.58 3.31 12.26
N THR B 180 27.72 3.08 13.24
CA THR B 180 27.98 3.38 14.65
C THR B 180 28.31 4.86 14.87
N THR B 181 27.68 5.74 14.09
CA THR B 181 27.92 7.17 14.22
C THR B 181 26.59 7.92 14.14
N CYS B 182 26.59 9.10 14.75
CA CYS B 182 25.46 10.04 14.65
C CYS B 182 26.02 11.42 14.34
N ALA B 183 25.24 12.19 13.58
CA ALA B 183 25.69 13.49 13.10
C ALA B 183 24.55 14.50 13.19
N LEU B 184 24.93 15.76 13.36
CA LEU B 184 24.00 16.88 13.34
C LEU B 184 24.31 17.74 12.12
N TRP B 185 23.29 18.03 11.32
CA TRP B 185 23.46 18.70 10.04
C TRP B 185 22.94 20.13 10.09
N ASP B 186 23.31 20.89 9.06
CA ASP B 186 22.83 22.26 8.87
C ASP B 186 22.27 22.36 7.46
N ILE B 187 20.96 22.56 7.36
CA ILE B 187 20.29 22.55 6.05
C ILE B 187 20.78 23.69 5.18
N GLU B 188 21.06 24.85 5.77
CA GLU B 188 21.50 26.00 4.98
C GLU B 188 22.81 25.73 4.27
N THR B 189 23.76 25.11 4.95
CA THR B 189 25.07 24.84 4.38
C THR B 189 25.22 23.41 3.86
N GLY B 190 24.49 22.46 4.43
CA GLY B 190 24.59 21.07 3.99
C GLY B 190 25.80 20.33 4.49
N GLN B 191 26.48 20.84 5.51
CA GLN B 191 27.68 20.22 6.05
C GLN B 191 27.47 19.85 7.51
N GLN B 192 28.12 18.77 7.93
CA GLN B 192 28.04 18.34 9.33
C GLN B 192 28.72 19.34 10.25
N THR B 193 28.09 19.60 11.39
CA THR B 193 28.67 20.46 12.41
C THR B 193 29.06 19.73 13.69
N THR B 194 28.47 18.56 13.93
CA THR B 194 28.80 17.77 15.12
C THR B 194 28.65 16.29 14.78
N THR B 195 29.62 15.49 15.23
CA THR B 195 29.61 14.05 15.00
C THR B 195 29.69 13.34 16.35
N PHE B 196 28.82 12.36 16.56
CA PHE B 196 28.76 11.59 17.79
C PHE B 196 29.26 10.18 17.52
N THR B 197 30.31 9.78 18.22
CA THR B 197 30.92 8.46 18.06
C THR B 197 31.09 7.81 19.43
N GLY B 198 31.20 6.48 19.42
CA GLY B 198 31.39 5.73 20.65
C GLY B 198 30.67 4.40 20.66
N HIS B 199 29.65 4.25 19.81
CA HIS B 199 28.91 3.00 19.75
C HIS B 199 29.72 1.92 19.05
N THR B 200 29.44 0.67 19.40
CA THR B 200 30.08 -0.49 18.78
C THR B 200 29.22 -1.13 17.70
N GLY B 201 27.90 -1.21 17.93
CA GLY B 201 26.99 -1.75 16.95
C GLY B 201 26.22 -0.67 16.21
N ASP B 202 25.45 -1.10 15.22
CA ASP B 202 24.69 -0.18 14.39
C ASP B 202 23.59 0.48 15.20
N VAL B 203 23.45 1.80 15.06
CA VAL B 203 22.41 2.53 15.74
C VAL B 203 21.10 2.35 14.99
N MET B 204 20.04 1.97 15.71
CA MET B 204 18.77 1.63 15.10
C MET B 204 17.67 2.65 15.27
N SER B 205 17.72 3.47 16.32
CA SER B 205 16.67 4.46 16.55
C SER B 205 17.18 5.56 17.46
N LEU B 206 16.52 6.71 17.40
CA LEU B 206 16.83 7.84 18.26
C LEU B 206 15.54 8.56 18.61
N SER B 207 15.59 9.34 19.69
CA SER B 207 14.47 10.16 20.13
C SER B 207 15.00 11.48 20.66
N LEU B 208 14.24 12.55 20.46
CA LEU B 208 14.62 13.88 20.89
C LEU B 208 13.88 14.26 22.17
N ALA B 209 14.58 14.99 23.04
CA ALA B 209 13.99 15.46 24.28
C ALA B 209 12.98 16.57 23.98
N PRO B 210 12.00 16.76 24.88
CA PRO B 210 11.02 17.83 24.67
C PRO B 210 11.65 19.22 24.56
N ASP B 211 12.73 19.47 25.28
CA ASP B 211 13.41 20.77 25.23
C ASP B 211 14.45 20.84 24.12
N THR B 212 14.64 19.77 23.36
CA THR B 212 15.58 19.70 22.24
C THR B 212 16.97 20.18 22.65
N ARG B 213 17.51 19.52 23.69
CA ARG B 213 18.86 19.82 24.16
C ARG B 213 19.69 18.55 24.24
N LEU B 214 19.03 17.42 24.48
CA LEU B 214 19.71 16.13 24.57
C LEU B 214 18.89 15.09 23.80
N PHE B 215 19.51 13.94 23.53
CA PHE B 215 18.84 12.86 22.84
C PHE B 215 19.53 11.55 23.20
N VAL B 216 18.81 10.45 22.97
CA VAL B 216 19.30 9.11 23.27
C VAL B 216 19.26 8.27 22.00
N SER B 217 20.26 7.42 21.83
CA SER B 217 20.36 6.54 20.66
C SER B 217 20.64 5.12 21.13
N GLY B 218 19.88 4.17 20.60
CA GLY B 218 20.08 2.76 20.89
C GLY B 218 20.77 2.06 19.74
N ALA B 219 21.72 1.20 20.05
CA ALA B 219 22.54 0.52 19.06
C ALA B 219 22.38 -0.98 19.18
N CYS B 220 23.08 -1.70 18.30
CA CYS B 220 23.00 -3.16 18.25
C CYS B 220 23.83 -3.84 19.33
N ASP B 221 24.67 -3.10 20.05
CA ASP B 221 25.49 -3.67 21.10
C ASP B 221 24.76 -3.76 22.44
N ALA B 222 23.44 -3.70 22.43
CA ALA B 222 22.62 -3.77 23.64
C ALA B 222 23.02 -2.70 24.65
N SER B 223 23.11 -1.46 24.17
CA SER B 223 23.50 -0.33 25.02
C SER B 223 22.88 0.94 24.47
N ALA B 224 22.52 1.85 25.37
CA ALA B 224 21.98 3.15 25.01
C ALA B 224 22.87 4.25 25.59
N LYS B 225 23.01 5.34 24.84
CA LYS B 225 23.89 6.43 25.23
C LYS B 225 23.13 7.75 25.18
N LEU B 226 23.40 8.62 26.14
CA LEU B 226 22.82 9.94 26.21
C LEU B 226 23.83 10.96 25.71
N TRP B 227 23.43 11.76 24.72
CA TRP B 227 24.32 12.72 24.08
C TRP B 227 23.88 14.14 24.38
N ASP B 228 24.81 15.08 24.21
CA ASP B 228 24.56 16.50 24.38
C ASP B 228 24.63 17.16 23.01
N VAL B 229 23.56 17.85 22.62
CA VAL B 229 23.51 18.48 21.31
C VAL B 229 24.48 19.66 21.25
N ARG B 230 24.46 20.51 22.27
CA ARG B 230 25.30 21.70 22.26
C ARG B 230 26.78 21.34 22.45
N GLU B 231 27.07 20.48 23.42
CA GLU B 231 28.47 20.14 23.71
C GLU B 231 29.02 19.17 22.68
N GLY B 232 28.20 18.25 22.18
CA GLY B 232 28.67 17.27 21.23
C GLY B 232 29.42 16.11 21.81
N MET B 233 29.27 15.85 23.11
CA MET B 233 29.98 14.77 23.78
C MET B 233 28.98 13.91 24.56
N CYS B 234 29.29 12.62 24.65
CA CYS B 234 28.42 11.68 25.34
C CYS B 234 28.38 11.98 26.84
N ARG B 235 27.25 11.67 27.47
CA ARG B 235 27.04 11.94 28.88
C ARG B 235 26.93 10.66 29.70
N GLN B 236 26.00 9.78 29.36
CA GLN B 236 25.76 8.58 30.16
C GLN B 236 25.55 7.40 29.21
N THR B 237 25.81 6.20 29.75
CA THR B 237 25.65 4.95 29.00
C THR B 237 24.80 3.99 29.83
N PHE B 238 23.78 3.41 29.20
CA PHE B 238 22.87 2.48 29.86
C PHE B 238 22.95 1.12 29.19
N THR B 239 23.00 0.07 30.00
CA THR B 239 23.07 -1.30 29.52
C THR B 239 22.02 -2.14 30.26
N GLY B 240 21.88 -3.39 29.84
CA GLY B 240 20.93 -4.29 30.48
C GLY B 240 20.23 -5.23 29.51
N HIS B 241 20.21 -4.87 28.23
CA HIS B 241 19.59 -5.71 27.22
C HIS B 241 20.52 -6.83 26.80
N GLU B 242 19.94 -7.86 26.17
CA GLU B 242 20.68 -9.04 25.76
C GLU B 242 20.67 -9.24 24.25
N SER B 243 20.13 -8.30 23.48
CA SER B 243 20.06 -8.44 22.03
C SER B 243 20.01 -7.04 21.42
N ASP B 244 19.71 -6.98 20.12
CA ASP B 244 19.66 -5.71 19.41
C ASP B 244 18.52 -4.85 19.93
N ILE B 245 18.79 -3.55 20.08
CA ILE B 245 17.79 -2.59 20.53
C ILE B 245 17.18 -1.95 19.30
N ASN B 246 15.85 -2.05 19.16
CA ASN B 246 15.16 -1.64 17.95
C ASN B 246 14.48 -0.29 18.06
N ALA B 247 13.94 0.07 19.23
CA ALA B 247 13.18 1.29 19.38
C ALA B 247 13.52 1.98 20.70
N ILE B 248 13.35 3.31 20.72
CA ILE B 248 13.59 4.11 21.91
C ILE B 248 12.73 5.37 21.80
N CYS B 249 12.29 5.87 22.95
CA CYS B 249 11.49 7.09 23.00
C CYS B 249 11.49 7.64 24.42
N PHE B 250 11.50 8.97 24.51
CA PHE B 250 11.51 9.63 25.81
C PHE B 250 10.14 9.57 26.49
N PHE B 251 10.17 9.68 27.81
CA PHE B 251 8.96 9.90 28.58
C PHE B 251 8.46 11.33 28.35
N PRO B 252 7.15 11.56 28.49
CA PRO B 252 6.65 12.95 28.37
C PRO B 252 7.28 13.91 29.37
N ASN B 253 7.66 13.43 30.56
CA ASN B 253 8.34 14.29 31.52
C ASN B 253 9.70 14.74 31.00
N GLY B 254 10.43 13.83 30.36
CA GLY B 254 11.75 14.13 29.84
C GLY B 254 12.90 13.63 30.67
N ASN B 255 12.64 12.89 31.75
CA ASN B 255 13.68 12.36 32.61
C ASN B 255 13.76 10.84 32.57
N ALA B 256 13.12 10.21 31.58
CA ALA B 256 13.13 8.76 31.46
C ALA B 256 12.85 8.40 30.01
N PHE B 257 13.14 7.14 29.66
CA PHE B 257 12.90 6.64 28.32
C PHE B 257 12.67 5.14 28.38
N ALA B 258 12.09 4.60 27.31
CA ALA B 258 11.79 3.18 27.21
C ALA B 258 12.46 2.61 25.97
N THR B 259 12.97 1.39 26.09
CA THR B 259 13.69 0.73 25.00
C THR B 259 12.98 -0.58 24.64
N GLY B 260 12.92 -0.86 23.35
CA GLY B 260 12.38 -2.12 22.87
C GLY B 260 13.41 -2.90 22.08
N SER B 261 13.68 -4.13 22.49
CA SER B 261 14.74 -4.94 21.90
C SER B 261 14.16 -6.22 21.31
N ASP B 262 15.05 -7.09 20.82
CA ASP B 262 14.66 -8.28 20.07
C ASP B 262 14.56 -9.53 20.93
N ASP B 263 14.70 -9.41 22.25
CA ASP B 263 14.62 -10.59 23.11
C ASP B 263 13.22 -10.78 23.69
N ALA B 264 12.26 -10.03 23.14
CA ALA B 264 10.89 -10.02 23.65
C ALA B 264 10.83 -9.39 25.05
N THR B 265 11.47 -8.23 25.18
CA THR B 265 11.59 -7.58 26.48
C THR B 265 11.72 -6.08 26.28
N CYS B 266 10.83 -5.32 26.93
CA CYS B 266 10.92 -3.87 27.00
C CYS B 266 11.39 -3.46 28.39
N ARG B 267 12.11 -2.34 28.44
CA ARG B 267 12.68 -1.86 29.69
C ARG B 267 12.50 -0.36 29.80
N LEU B 268 12.44 0.13 31.04
CA LEU B 268 12.31 1.54 31.34
C LEU B 268 13.53 1.99 32.14
N PHE B 269 14.19 3.05 31.68
CA PHE B 269 15.40 3.57 32.31
C PHE B 269 15.12 4.95 32.90
N ASP B 270 16.15 5.54 33.48
CA ASP B 270 16.07 6.87 34.07
C ASP B 270 17.39 7.60 33.85
N LEU B 271 17.31 8.93 33.88
CA LEU B 271 18.48 9.78 33.65
C LEU B 271 19.18 10.18 34.95
N ARG B 272 18.42 10.66 35.94
CA ARG B 272 19.02 11.03 37.21
C ARG B 272 19.54 9.81 37.97
N ALA B 273 18.83 8.69 37.88
CA ALA B 273 19.25 7.42 38.49
C ALA B 273 19.57 6.44 37.37
N ASP B 274 20.84 6.04 37.28
CA ASP B 274 21.31 5.16 36.21
C ASP B 274 21.06 3.70 36.59
N GLN B 275 19.79 3.36 36.73
CA GLN B 275 19.39 2.00 37.05
C GLN B 275 18.10 1.66 36.30
N GLU B 276 17.87 0.36 36.15
CA GLU B 276 16.64 -0.12 35.52
C GLU B 276 15.46 0.01 36.48
N LEU B 277 14.28 0.26 35.91
CA LEU B 277 13.07 0.45 36.71
C LEU B 277 12.06 -0.66 36.49
N MET B 278 11.67 -0.94 35.24
CA MET B 278 10.69 -1.96 34.92
C MET B 278 11.14 -2.80 33.74
N THR B 279 10.66 -4.04 33.72
CA THR B 279 10.80 -4.95 32.59
C THR B 279 9.41 -5.36 32.13
N TYR B 280 9.16 -5.27 30.82
CA TYR B 280 7.86 -5.60 30.25
C TYR B 280 8.03 -6.80 29.34
N SER B 281 7.66 -7.98 29.84
CA SER B 281 7.80 -9.22 29.09
C SER B 281 6.78 -10.22 29.62
N HIS B 282 6.48 -11.22 28.80
CA HIS B 282 5.55 -12.27 29.16
C HIS B 282 6.09 -13.61 28.68
N ASP B 283 5.74 -14.67 29.40
CA ASP B 283 6.20 -16.01 29.04
C ASP B 283 5.57 -16.50 27.74
N ASN B 284 4.44 -15.95 27.35
CA ASN B 284 3.77 -16.33 26.11
C ASN B 284 4.25 -15.55 24.90
N ILE B 285 5.16 -14.59 25.09
CA ILE B 285 5.67 -13.76 24.01
C ILE B 285 7.14 -14.07 23.82
N ILE B 286 7.51 -14.49 22.61
CA ILE B 286 8.90 -14.79 22.27
C ILE B 286 9.28 -14.01 21.02
N CYS B 287 8.57 -12.92 20.76
CA CYS B 287 8.74 -12.13 19.56
C CYS B 287 9.26 -10.74 19.90
N GLY B 288 10.04 -10.16 18.99
CA GLY B 288 10.67 -8.88 19.23
C GLY B 288 9.72 -7.71 19.13
N ILE B 289 10.26 -6.53 19.45
CA ILE B 289 9.50 -5.28 19.46
C ILE B 289 10.05 -4.38 18.37
N THR B 290 9.15 -3.83 17.54
CA THR B 290 9.55 -2.96 16.45
C THR B 290 9.30 -1.48 16.71
N SER B 291 8.34 -1.14 17.58
CA SER B 291 8.03 0.26 17.84
C SER B 291 7.61 0.41 19.29
N VAL B 292 7.98 1.56 19.88
CA VAL B 292 7.65 1.88 21.26
C VAL B 292 7.17 3.33 21.31
N SER B 293 6.06 3.57 22.00
CA SER B 293 5.55 4.93 22.16
C SER B 293 4.71 5.00 23.43
N PHE B 294 4.70 6.18 24.04
CA PHE B 294 3.95 6.45 25.24
C PHE B 294 2.64 7.17 24.91
N SER B 295 1.88 7.52 25.94
CA SER B 295 0.66 8.28 25.80
C SER B 295 0.91 9.74 26.21
N LYS B 296 -0.16 10.54 26.18
CA LYS B 296 -0.02 11.95 26.55
C LYS B 296 0.36 12.11 28.02
N SER B 297 -0.26 11.33 28.89
CA SER B 297 0.01 11.41 30.32
C SER B 297 1.16 10.51 30.76
N GLY B 298 1.69 9.69 29.86
CA GLY B 298 2.78 8.80 30.23
C GLY B 298 2.37 7.60 31.05
N ARG B 299 1.08 7.24 31.05
CA ARG B 299 0.59 6.10 31.79
C ARG B 299 0.48 4.83 30.95
N LEU B 300 0.10 4.97 29.69
CA LEU B 300 -0.03 3.83 28.79
C LEU B 300 1.19 3.76 27.87
N LEU B 301 1.75 2.56 27.74
CA LEU B 301 2.90 2.30 26.88
C LEU B 301 2.47 1.39 25.75
N LEU B 302 2.64 1.85 24.52
CA LEU B 302 2.28 1.08 23.33
C LEU B 302 3.54 0.52 22.71
N ALA B 303 3.63 -0.81 22.63
CA ALA B 303 4.76 -1.51 22.06
C ALA B 303 4.29 -2.32 20.86
N GLY B 304 4.87 -2.04 19.70
CA GLY B 304 4.48 -2.75 18.49
C GLY B 304 5.28 -4.02 18.28
N TYR B 305 4.72 -5.15 18.69
CA TYR B 305 5.38 -6.43 18.53
C TYR B 305 5.24 -6.92 17.09
N ASP B 306 6.24 -7.68 16.64
CA ASP B 306 6.27 -8.20 15.28
C ASP B 306 5.53 -9.52 15.12
N ASP B 307 4.62 -9.84 16.04
CA ASP B 307 3.79 -11.05 15.95
C ASP B 307 2.37 -10.73 15.49
N PHE B 308 2.24 -9.78 14.57
CA PHE B 308 1.01 -9.42 13.85
C PHE B 308 0.03 -8.59 14.66
N ASN B 309 0.41 -8.09 15.83
CA ASN B 309 -0.48 -7.25 16.63
C ASN B 309 0.34 -6.34 17.53
N CYS B 310 -0.35 -5.51 18.30
CA CYS B 310 0.25 -4.56 19.21
C CYS B 310 -0.29 -4.78 20.62
N ASN B 311 0.50 -4.36 21.61
CA ASN B 311 0.17 -4.54 23.01
C ASN B 311 0.19 -3.19 23.72
N VAL B 312 -0.62 -3.10 24.78
CA VAL B 312 -0.69 -1.90 25.62
C VAL B 312 -0.24 -2.27 27.02
N TRP B 313 0.73 -1.53 27.54
CA TRP B 313 1.31 -1.79 28.84
C TRP B 313 1.12 -0.59 29.75
N ASP B 314 0.88 -0.86 31.03
CA ASP B 314 0.77 0.17 32.05
C ASP B 314 2.17 0.46 32.57
N ALA B 315 2.64 1.71 32.39
CA ALA B 315 4.01 2.05 32.71
C ALA B 315 4.31 1.95 34.20
N LEU B 316 3.31 2.08 35.06
CA LEU B 316 3.54 2.09 36.50
C LEU B 316 3.35 0.73 37.17
N LYS B 317 2.66 -0.21 36.51
CA LYS B 317 2.44 -1.54 37.07
C LYS B 317 2.97 -2.67 36.20
N ALA B 318 3.41 -2.39 34.98
CA ALA B 318 3.96 -3.39 34.07
C ALA B 318 2.98 -4.53 33.82
N ASP B 319 1.71 -4.19 33.67
CA ASP B 319 0.66 -5.16 33.41
C ASP B 319 -0.03 -4.84 32.09
N ARG B 320 -0.28 -5.87 31.29
CA ARG B 320 -0.96 -5.68 30.02
C ARG B 320 -2.40 -5.25 30.25
N ALA B 321 -2.87 -4.31 29.43
CA ALA B 321 -4.22 -3.78 29.60
C ALA B 321 -4.96 -3.64 28.27
N GLY B 322 -4.47 -4.26 27.20
CA GLY B 322 -5.13 -4.18 25.92
C GLY B 322 -4.29 -4.68 24.76
N VAL B 323 -4.93 -5.32 23.78
CA VAL B 323 -4.25 -5.84 22.60
C VAL B 323 -4.92 -5.26 21.37
N LEU B 324 -4.12 -4.71 20.46
CA LEU B 324 -4.60 -4.14 19.21
C LEU B 324 -4.26 -5.11 18.09
N ALA B 325 -5.21 -5.94 17.70
CA ALA B 325 -5.03 -6.98 16.70
C ALA B 325 -5.94 -6.68 15.51
N GLY B 326 -5.40 -5.97 14.52
CA GLY B 326 -6.15 -5.66 13.32
C GLY B 326 -5.31 -5.71 12.06
N HIS B 327 -4.07 -6.17 12.20
CA HIS B 327 -3.12 -6.23 11.09
C HIS B 327 -2.80 -7.69 10.76
N ASP B 328 -2.58 -7.95 9.47
CA ASP B 328 -2.31 -9.30 8.99
C ASP B 328 -0.83 -9.56 8.74
N ASN B 329 0.05 -8.66 9.19
CA ASN B 329 1.48 -8.83 9.00
C ASN B 329 2.21 -8.10 10.12
N ARG B 330 3.53 -7.99 9.99
CA ARG B 330 4.35 -7.34 11.00
C ARG B 330 3.98 -5.87 11.15
N VAL B 331 3.93 -5.41 12.39
CA VAL B 331 3.73 -3.98 12.67
C VAL B 331 5.10 -3.34 12.86
N SER B 332 5.35 -2.28 12.10
CA SER B 332 6.67 -1.66 12.06
C SER B 332 6.71 -0.22 12.55
N CYS B 333 5.63 0.54 12.40
CA CYS B 333 5.60 1.94 12.80
C CYS B 333 4.37 2.22 13.63
N LEU B 334 4.54 3.07 14.65
CA LEU B 334 3.46 3.42 15.56
C LEU B 334 3.66 4.86 16.01
N GLY B 335 2.56 5.61 16.10
CA GLY B 335 2.63 7.00 16.48
C GLY B 335 1.42 7.42 17.30
N VAL B 336 1.62 8.46 18.11
CA VAL B 336 0.59 9.01 18.98
C VAL B 336 0.50 10.51 18.73
N THR B 337 -0.72 11.03 18.67
CA THR B 337 -0.93 12.44 18.41
C THR B 337 -0.43 13.28 19.58
N ASP B 338 -0.22 14.58 19.30
CA ASP B 338 0.27 15.49 20.34
C ASP B 338 -0.74 15.64 21.46
N ASP B 339 -2.03 15.75 21.13
CA ASP B 339 -3.09 15.87 22.12
C ASP B 339 -3.55 14.53 22.66
N GLY B 340 -2.99 13.42 22.16
CA GLY B 340 -3.36 12.10 22.66
C GLY B 340 -4.79 11.73 22.37
N MET B 341 -5.33 12.14 21.21
CA MET B 341 -6.70 11.81 20.86
C MET B 341 -6.82 10.49 20.13
N ALA B 342 -5.79 10.09 19.38
CA ALA B 342 -5.83 8.83 18.64
C ALA B 342 -4.40 8.39 18.34
N VAL B 343 -4.26 7.11 18.01
CA VAL B 343 -2.98 6.54 17.62
C VAL B 343 -3.11 5.96 16.22
N ALA B 344 -1.97 5.89 15.53
CA ALA B 344 -1.91 5.36 14.17
C ALA B 344 -0.85 4.27 14.12
N THR B 345 -1.22 3.12 13.57
CA THR B 345 -0.32 1.97 13.45
C THR B 345 -0.24 1.54 11.99
N GLY B 346 0.97 1.38 11.50
CA GLY B 346 1.19 0.86 10.16
C GLY B 346 1.77 -0.53 10.19
N SER B 347 1.62 -1.29 9.11
CA SER B 347 2.08 -2.66 9.08
C SER B 347 2.61 -3.00 7.69
N TRP B 348 3.15 -4.21 7.57
CA TRP B 348 3.73 -4.67 6.31
C TRP B 348 2.67 -5.02 5.25
N ASP B 349 1.39 -5.04 5.63
CA ASP B 349 0.32 -5.33 4.69
C ASP B 349 -0.18 -4.08 3.96
N SER B 350 0.57 -2.97 4.03
CA SER B 350 0.25 -1.74 3.31
C SER B 350 -1.10 -1.18 3.72
N PHE B 351 -1.37 -1.15 5.03
CA PHE B 351 -2.60 -0.59 5.56
C PHE B 351 -2.30 0.20 6.82
N LEU B 352 -2.79 1.43 6.88
CA LEU B 352 -2.70 2.27 8.06
C LEU B 352 -4.05 2.32 8.76
N LYS B 353 -4.04 2.23 10.09
CA LYS B 353 -5.26 2.21 10.88
C LYS B 353 -5.13 3.19 12.03
N ILE B 354 -6.16 4.02 12.22
CA ILE B 354 -6.23 4.96 13.32
C ILE B 354 -7.16 4.39 14.37
N TRP B 355 -6.67 4.26 15.60
CA TRP B 355 -7.42 3.64 16.69
C TRP B 355 -7.79 4.70 17.73
N ASN B 356 -9.01 4.61 18.23
CA ASN B 356 -9.49 5.53 19.25
C ASN B 356 -10.47 4.83 20.19
N THR C 6 50.82 0.40 17.47
CA THR C 6 51.21 1.49 18.37
C THR C 6 50.02 2.35 18.71
N ALA C 7 48.90 2.14 18.02
CA ALA C 7 47.67 2.89 18.27
C ALA C 7 46.79 2.25 19.34
N SER C 8 47.17 1.08 19.86
CA SER C 8 46.37 0.43 20.89
C SER C 8 46.35 1.25 22.17
N ILE C 9 47.48 1.86 22.54
CA ILE C 9 47.53 2.68 23.74
C ILE C 9 46.65 3.91 23.59
N ALA C 10 46.63 4.50 22.38
CA ALA C 10 45.80 5.67 22.15
C ALA C 10 44.32 5.36 22.31
N GLN C 11 43.88 4.21 21.79
CA GLN C 11 42.49 3.80 21.97
C GLN C 11 42.19 3.52 23.44
N ALA C 12 43.12 2.88 24.15
CA ALA C 12 42.92 2.61 25.57
C ALA C 12 42.86 3.90 26.38
N ARG C 13 43.69 4.89 26.03
CA ARG C 13 43.64 6.17 26.71
C ARG C 13 42.32 6.87 26.49
N LYS C 14 41.78 6.80 25.27
CA LYS C 14 40.47 7.39 24.99
C LYS C 14 39.38 6.69 25.79
N LEU C 15 39.44 5.36 25.90
CA LEU C 15 38.42 4.62 26.61
C LEU C 15 38.41 4.96 28.10
N VAL C 16 39.60 5.02 28.72
CA VAL C 16 39.66 5.31 30.15
C VAL C 16 39.28 6.75 30.42
N GLU C 17 39.60 7.67 29.50
CA GLU C 17 39.23 9.08 29.69
C GLU C 17 37.70 9.24 29.68
N GLN C 18 37.02 8.49 28.82
CA GLN C 18 35.56 8.49 28.85
C GLN C 18 35.03 7.97 30.17
N LEU C 19 35.67 6.92 30.71
CA LEU C 19 35.25 6.37 31.99
C LEU C 19 35.48 7.35 33.14
N LYS C 20 36.42 8.29 32.97
CA LYS C 20 36.63 9.31 33.99
C LYS C 20 35.39 10.16 34.20
N MET C 21 34.79 10.63 33.10
CA MET C 21 33.62 11.50 33.20
C MET C 21 32.36 10.72 33.54
N GLU C 22 32.24 9.48 33.07
CA GLU C 22 31.05 8.68 33.32
C GLU C 22 30.90 8.27 34.77
N ALA C 23 31.96 8.34 35.57
CA ALA C 23 31.93 7.97 36.98
C ALA C 23 31.99 9.16 37.92
N ASN C 24 31.91 10.39 37.37
CA ASN C 24 32.00 11.60 38.18
C ASN C 24 30.71 12.40 38.16
N ILE C 25 29.58 11.77 37.83
CA ILE C 25 28.30 12.44 37.80
C ILE C 25 27.55 12.13 39.08
N ASP C 26 26.64 13.03 39.44
CA ASP C 26 25.87 12.86 40.66
C ASP C 26 24.69 11.93 40.44
N ARG C 27 24.27 11.26 41.51
CA ARG C 27 23.15 10.33 41.48
C ARG C 27 22.21 10.61 42.64
N ILE C 28 20.95 10.23 42.46
CA ILE C 28 19.92 10.38 43.48
C ILE C 28 19.31 9.01 43.76
N LYS C 29 18.53 8.96 44.83
CA LYS C 29 17.88 7.71 45.22
C LYS C 29 16.85 7.29 44.17
N VAL C 30 16.67 5.97 44.04
CA VAL C 30 15.70 5.46 43.09
C VAL C 30 14.28 5.84 43.50
N SER C 31 14.01 5.88 44.80
CA SER C 31 12.66 6.23 45.28
C SER C 31 12.30 7.65 44.87
N LYS C 32 13.25 8.58 44.97
CA LYS C 32 12.98 9.95 44.56
C LYS C 32 12.66 10.02 43.06
N ALA C 33 13.43 9.32 42.24
CA ALA C 33 13.11 9.24 40.81
C ALA C 33 11.79 8.51 40.59
N ALA C 34 11.53 7.47 41.39
CA ALA C 34 10.28 6.74 41.28
C ALA C 34 9.08 7.62 41.61
N ALA C 35 9.20 8.44 42.65
CA ALA C 35 8.09 9.30 43.06
C ALA C 35 7.77 10.34 41.99
N ASP C 36 8.81 10.88 41.34
CA ASP C 36 8.58 11.92 40.34
C ASP C 36 7.78 11.39 39.16
N LEU C 37 8.08 10.17 38.71
CA LEU C 37 7.29 9.57 37.64
C LEU C 37 5.86 9.30 38.11
N MET C 38 5.71 8.87 39.36
CA MET C 38 4.37 8.66 39.93
C MET C 38 3.58 9.96 40.00
N ALA C 39 4.23 11.05 40.42
CA ALA C 39 3.53 12.32 40.57
C ALA C 39 3.13 12.90 39.22
N TYR C 40 3.98 12.75 38.20
CA TYR C 40 3.69 13.32 36.89
C TYR C 40 2.45 12.68 36.29
N CYS C 41 2.33 11.35 36.40
CA CYS C 41 1.18 10.66 35.82
C CYS C 41 -0.12 11.08 36.50
N GLU C 42 -0.10 11.22 37.83
CA GLU C 42 -1.30 11.58 38.56
C GLU C 42 -1.79 12.98 38.19
N ALA C 43 -0.87 13.93 38.04
CA ALA C 43 -1.26 15.31 37.77
C ALA C 43 -1.79 15.50 36.35
N HIS C 44 -1.27 14.76 35.38
CA HIS C 44 -1.63 14.93 33.98
C HIS C 44 -2.61 13.88 33.48
N ALA C 45 -3.16 13.05 34.37
CA ALA C 45 -4.13 12.04 33.96
C ALA C 45 -5.50 12.62 33.65
N LYS C 46 -5.76 13.88 34.01
CA LYS C 46 -7.07 14.47 33.77
C LYS C 46 -7.30 14.74 32.29
N GLU C 47 -6.23 15.07 31.55
CA GLU C 47 -6.33 15.47 30.15
C GLU C 47 -5.76 14.41 29.22
N ASP C 48 -6.01 13.13 29.53
CA ASP C 48 -5.56 12.03 28.68
C ASP C 48 -6.77 11.36 28.04
N PRO C 49 -7.09 11.65 26.79
CA PRO C 49 -8.24 11.00 26.15
C PRO C 49 -8.12 9.49 26.06
N LEU C 50 -6.91 8.95 25.88
CA LEU C 50 -6.74 7.51 25.76
C LEU C 50 -7.00 6.79 27.07
N LEU C 51 -6.67 7.43 28.20
CA LEU C 51 -6.89 6.80 29.50
C LEU C 51 -8.36 6.87 29.91
N THR C 52 -8.93 8.08 29.93
CA THR C 52 -10.33 8.26 30.25
C THR C 52 -11.11 8.53 28.97
N PRO C 53 -12.00 7.63 28.55
CA PRO C 53 -12.78 7.88 27.33
C PRO C 53 -13.62 9.14 27.47
N VAL C 54 -13.71 9.89 26.37
CA VAL C 54 -14.44 11.16 26.34
C VAL C 54 -15.76 10.94 25.61
N PRO C 55 -16.79 11.74 25.89
CA PRO C 55 -18.06 11.59 25.15
C PRO C 55 -17.87 11.88 23.67
N ALA C 56 -18.71 11.23 22.86
CA ALA C 56 -18.60 11.32 21.41
C ALA C 56 -18.98 12.69 20.86
N SER C 57 -19.53 13.58 21.69
CA SER C 57 -19.94 14.89 21.20
C SER C 57 -18.76 15.69 20.68
N GLU C 58 -17.64 15.66 21.40
CA GLU C 58 -16.45 16.43 21.04
C GLU C 58 -15.34 15.57 20.46
N ASN C 59 -15.61 14.31 20.14
CA ASN C 59 -14.59 13.46 19.54
C ASN C 59 -14.37 13.86 18.09
N PRO C 60 -13.15 14.23 17.68
CA PRO C 60 -12.91 14.60 16.28
C PRO C 60 -12.75 13.39 15.36
N PHE C 61 -12.37 12.23 15.89
CA PHE C 61 -12.16 11.04 15.09
C PHE C 61 -13.35 10.09 15.10
N ARG C 62 -14.49 10.53 15.63
CA ARG C 62 -15.67 9.68 15.66
C ARG C 62 -16.16 9.38 14.24
N GLU C 63 -16.80 8.23 14.09
CA GLU C 63 -17.30 7.78 12.80
C GLU C 63 -18.81 7.95 12.76
N LYS C 64 -19.29 8.68 11.75
CA LYS C 64 -20.72 8.90 11.57
C LYS C 64 -21.34 7.68 10.88
N LYS C 65 -22.58 7.83 10.41
CA LYS C 65 -23.24 6.73 9.71
C LYS C 65 -22.49 6.35 8.44
N PHE C 66 -22.01 7.34 7.69
CA PHE C 66 -21.21 7.09 6.50
C PHE C 66 -19.74 7.36 6.75
N GLU D 50 -56.64 -30.12 -20.51
CA GLU D 50 -56.25 -31.50 -20.81
C GLU D 50 -55.16 -31.54 -21.87
N THR D 51 -54.40 -30.45 -21.99
CA THR D 51 -53.32 -30.41 -22.98
C THR D 51 -52.20 -31.38 -22.60
N LEU D 52 -51.93 -31.54 -21.31
CA LEU D 52 -50.91 -32.49 -20.88
C LEU D 52 -51.33 -33.92 -21.16
N ARG D 53 -52.61 -34.25 -20.95
CA ARG D 53 -53.10 -35.59 -21.22
C ARG D 53 -52.97 -35.94 -22.69
N GLU D 54 -53.37 -35.01 -23.58
CA GLU D 54 -53.24 -35.26 -25.01
C GLU D 54 -51.78 -35.30 -25.44
N HIS D 55 -50.96 -34.39 -24.91
CA HIS D 55 -49.55 -34.34 -25.31
C HIS D 55 -48.81 -35.60 -24.89
N TYR D 56 -49.06 -36.09 -23.67
CA TYR D 56 -48.42 -37.32 -23.22
C TYR D 56 -48.88 -38.51 -24.06
N GLN D 57 -50.17 -38.53 -24.44
CA GLN D 57 -50.70 -39.65 -25.21
C GLN D 57 -50.04 -39.74 -26.58
N TYR D 58 -49.87 -38.61 -27.27
CA TYR D 58 -49.25 -38.64 -28.58
C TYR D 58 -47.78 -39.08 -28.47
N VAL D 59 -47.07 -38.59 -27.46
CA VAL D 59 -45.69 -39.02 -27.24
C VAL D 59 -45.63 -40.49 -26.89
N GLY D 60 -46.53 -40.94 -26.00
CA GLY D 60 -46.53 -42.32 -25.54
C GLY D 60 -46.21 -42.48 -24.06
N LYS D 61 -45.88 -41.41 -23.34
CA LYS D 61 -45.65 -41.53 -21.91
C LYS D 61 -46.93 -41.87 -21.17
N LEU D 62 -48.09 -41.44 -21.68
CA LEU D 62 -49.36 -41.79 -21.06
C LEU D 62 -49.64 -43.27 -21.15
N ALA D 63 -49.11 -43.95 -22.17
CA ALA D 63 -49.28 -45.39 -22.30
C ALA D 63 -48.57 -46.09 -21.14
N GLY D 64 -49.31 -46.89 -20.39
CA GLY D 64 -48.75 -47.53 -19.21
C GLY D 64 -48.37 -46.57 -18.11
N ARG D 65 -49.18 -45.54 -17.89
CA ARG D 65 -48.90 -44.54 -16.86
C ARG D 65 -49.90 -44.65 -15.72
N SER D 73 -40.95 -50.46 -5.58
CA SER D 73 -40.37 -49.50 -6.51
C SER D 73 -40.25 -48.12 -5.88
N THR D 74 -39.98 -48.08 -4.58
CA THR D 74 -39.85 -46.84 -3.84
C THR D 74 -38.43 -46.58 -3.35
N LEU D 75 -37.54 -47.57 -3.40
CA LEU D 75 -36.18 -47.39 -2.93
C LEU D 75 -35.37 -46.49 -3.86
N THR D 76 -35.73 -46.44 -5.14
CA THR D 76 -35.03 -45.57 -6.08
C THR D 76 -35.21 -44.10 -5.72
N THR D 77 -36.44 -43.71 -5.36
CA THR D 77 -36.67 -42.34 -4.93
C THR D 77 -35.91 -42.02 -3.65
N VAL D 78 -35.86 -42.98 -2.73
CA VAL D 78 -35.12 -42.77 -1.48
C VAL D 78 -33.64 -42.57 -1.79
N LEU D 79 -33.07 -43.39 -2.69
CA LEU D 79 -31.68 -43.24 -3.05
C LEU D 79 -31.41 -41.89 -3.71
N PHE D 80 -32.32 -41.47 -4.60
CA PHE D 80 -32.16 -40.16 -5.23
C PHE D 80 -32.20 -39.04 -4.19
N LEU D 81 -33.11 -39.13 -3.23
CA LEU D 81 -33.16 -38.11 -2.17
C LEU D 81 -31.89 -38.12 -1.34
N VAL D 82 -31.35 -39.31 -1.04
CA VAL D 82 -30.14 -39.40 -0.25
C VAL D 82 -28.96 -38.77 -0.98
N ILE D 83 -28.82 -39.07 -2.28
CA ILE D 83 -27.70 -38.52 -3.03
C ILE D 83 -27.86 -37.01 -3.19
N CYS D 84 -29.09 -36.53 -3.38
CA CYS D 84 -29.31 -35.08 -3.46
C CYS D 84 -28.95 -34.40 -2.16
N SER D 85 -29.32 -35.00 -1.02
CA SER D 85 -28.95 -34.44 0.27
C SER D 85 -27.44 -34.42 0.45
N PHE D 86 -26.77 -35.50 0.03
CA PHE D 86 -25.31 -35.52 0.10
C PHE D 86 -24.69 -34.40 -0.74
N ILE D 87 -25.21 -34.20 -1.95
CA ILE D 87 -24.66 -33.17 -2.84
C ILE D 87 -24.86 -31.78 -2.23
N VAL D 88 -26.06 -31.50 -1.74
CA VAL D 88 -26.35 -30.17 -1.21
C VAL D 88 -25.54 -29.93 0.06
N LEU D 89 -25.38 -30.96 0.91
CA LEU D 89 -24.59 -30.80 2.12
C LEU D 89 -23.12 -30.56 1.79
N GLU D 90 -22.56 -31.31 0.85
CA GLU D 90 -21.16 -31.13 0.48
C GLU D 90 -20.92 -29.76 -0.12
N ASN D 91 -21.83 -29.30 -0.98
CA ASN D 91 -21.64 -27.99 -1.60
C ASN D 91 -21.80 -26.86 -0.58
N LEU D 92 -22.72 -27.02 0.38
CA LEU D 92 -22.83 -26.04 1.45
C LEU D 92 -21.57 -26.02 2.30
N MET D 93 -20.99 -27.19 2.57
CA MET D 93 -19.74 -27.25 3.32
C MET D 93 -18.62 -26.56 2.56
N VAL D 94 -18.53 -26.78 1.25
CA VAL D 94 -17.51 -26.12 0.45
C VAL D 94 -17.70 -24.60 0.48
N LEU D 95 -18.94 -24.14 0.34
CA LEU D 95 -19.20 -22.71 0.35
C LEU D 95 -18.84 -22.07 1.69
N ILE D 96 -19.20 -22.72 2.79
CA ILE D 96 -18.89 -22.14 4.10
C ILE D 96 -17.39 -22.21 4.38
N ALA D 97 -16.71 -23.24 3.88
CA ALA D 97 -15.26 -23.30 4.02
C ALA D 97 -14.59 -22.17 3.25
N ILE D 98 -15.09 -21.88 2.04
CA ILE D 98 -14.56 -20.75 1.28
C ILE D 98 -14.81 -19.43 2.01
N TRP D 99 -16.03 -19.26 2.53
CA TRP D 99 -16.37 -18.00 3.21
C TRP D 99 -15.68 -17.87 4.57
N LYS D 100 -15.18 -18.97 5.13
CA LYS D 100 -14.55 -18.91 6.45
C LYS D 100 -13.32 -18.03 6.45
N ASN D 101 -12.48 -18.15 5.42
CA ASN D 101 -11.25 -17.37 5.33
C ASN D 101 -11.53 -16.02 4.71
N ASN D 102 -10.98 -14.96 5.31
CA ASN D 102 -11.14 -13.61 4.82
C ASN D 102 -9.98 -13.14 3.96
N LYS D 103 -9.01 -14.02 3.68
CA LYS D 103 -7.83 -13.65 2.90
C LYS D 103 -8.16 -13.78 1.41
N PHE D 104 -9.05 -12.89 0.96
CA PHE D 104 -9.53 -12.92 -0.43
C PHE D 104 -8.60 -12.11 -1.33
N HIS D 105 -7.33 -12.53 -1.35
CA HIS D 105 -6.32 -11.93 -2.21
C HIS D 105 -6.12 -12.68 -3.51
N ASN D 106 -6.88 -13.75 -3.74
CA ASN D 106 -6.77 -14.56 -4.95
C ASN D 106 -8.09 -14.57 -5.69
N ARG D 107 -8.02 -14.61 -7.03
CA ARG D 107 -9.21 -14.61 -7.86
C ARG D 107 -9.88 -15.97 -7.93
N MET D 108 -9.20 -17.04 -7.50
CA MET D 108 -9.80 -18.37 -7.55
C MET D 108 -10.97 -18.51 -6.59
N TYR D 109 -10.96 -17.76 -5.48
CA TYR D 109 -11.99 -17.90 -4.47
C TYR D 109 -13.37 -17.59 -5.04
N PHE D 110 -13.48 -16.50 -5.81
CA PHE D 110 -14.77 -16.12 -6.39
C PHE D 110 -15.30 -17.18 -7.33
N PHE D 111 -14.44 -17.71 -8.20
CA PHE D 111 -14.87 -18.72 -9.16
C PHE D 111 -15.29 -20.01 -8.46
N ILE D 112 -14.51 -20.46 -7.47
CA ILE D 112 -14.86 -21.69 -6.77
C ILE D 112 -16.15 -21.52 -5.98
N GLY D 113 -16.33 -20.35 -5.35
CA GLY D 113 -17.57 -20.10 -4.64
C GLY D 113 -18.78 -20.02 -5.57
N ASN D 114 -18.60 -19.42 -6.74
CA ASN D 114 -19.69 -19.36 -7.71
C ASN D 114 -20.05 -20.76 -8.20
N LEU D 115 -19.04 -21.60 -8.46
CA LEU D 115 -19.32 -22.98 -8.88
C LEU D 115 -20.05 -23.75 -7.78
N ALA D 116 -19.62 -23.57 -6.53
CA ALA D 116 -20.29 -24.24 -5.42
C ALA D 116 -21.73 -23.78 -5.28
N LEU D 117 -21.98 -22.48 -5.42
CA LEU D 117 -23.33 -21.97 -5.31
C LEU D 117 -24.21 -22.49 -6.45
N CYS D 118 -23.67 -22.55 -7.66
CA CYS D 118 -24.43 -23.08 -8.79
C CYS D 118 -24.76 -24.55 -8.60
N ASP D 119 -23.80 -25.34 -8.09
CA ASP D 119 -24.08 -26.74 -7.84
C ASP D 119 -25.10 -26.91 -6.71
N LEU D 120 -25.05 -26.04 -5.70
CA LEU D 120 -26.06 -26.06 -4.64
C LEU D 120 -27.45 -25.79 -5.20
N LEU D 121 -27.56 -24.78 -6.08
CA LEU D 121 -28.84 -24.48 -6.71
C LEU D 121 -29.31 -25.64 -7.58
N ALA D 122 -28.38 -26.29 -8.29
CA ALA D 122 -28.74 -27.44 -9.10
C ALA D 122 -29.28 -28.58 -8.24
N GLY D 123 -28.63 -28.85 -7.11
CA GLY D 123 -29.13 -29.88 -6.21
C GLY D 123 -30.50 -29.57 -5.65
N ILE D 124 -30.72 -28.31 -5.24
CA ILE D 124 -32.02 -27.91 -4.72
C ILE D 124 -33.09 -28.03 -5.79
N ALA D 125 -32.78 -27.60 -7.02
CA ALA D 125 -33.74 -27.70 -8.11
C ALA D 125 -34.07 -29.15 -8.44
N TYR D 126 -33.07 -30.03 -8.43
CA TYR D 126 -33.34 -31.44 -8.68
C TYR D 126 -34.19 -32.05 -7.57
N LYS D 127 -33.95 -31.65 -6.33
CA LYS D 127 -34.79 -32.13 -5.23
C LYS D 127 -36.23 -31.70 -5.42
N VAL D 128 -36.44 -30.43 -5.77
CA VAL D 128 -37.81 -29.95 -6.01
C VAL D 128 -38.44 -30.69 -7.19
N ASN D 129 -37.67 -30.92 -8.25
CA ASN D 129 -38.20 -31.60 -9.43
C ASN D 129 -38.62 -33.03 -9.11
N ILE D 130 -37.78 -33.75 -8.36
CA ILE D 130 -38.13 -35.13 -8.03
C ILE D 130 -39.28 -35.18 -7.05
N LEU D 131 -39.41 -34.18 -6.17
CA LEU D 131 -40.57 -34.13 -5.27
C LEU D 131 -41.86 -33.88 -6.05
N MET D 132 -41.83 -32.97 -7.02
CA MET D 132 -43.05 -32.55 -7.71
C MET D 132 -43.29 -33.30 -9.01
N SER D 133 -42.46 -34.27 -9.36
CA SER D 133 -42.59 -35.00 -10.62
C SER D 133 -43.07 -36.43 -10.45
N GLY D 134 -43.46 -36.83 -9.24
CA GLY D 134 -43.85 -38.20 -9.01
C GLY D 134 -45.15 -38.60 -9.68
N LYS D 135 -46.27 -38.07 -9.21
CA LYS D 135 -47.57 -38.40 -9.77
C LYS D 135 -48.50 -37.20 -9.88
N LYS D 136 -48.03 -35.99 -9.60
CA LYS D 136 -48.86 -34.80 -9.61
C LYS D 136 -48.87 -34.10 -10.96
N THR D 137 -48.15 -34.63 -11.94
CA THR D 137 -47.96 -33.92 -13.20
C THR D 137 -49.26 -33.56 -13.91
N PHE D 138 -50.22 -34.47 -13.88
CA PHE D 138 -51.51 -34.22 -14.51
C PHE D 138 -52.30 -33.13 -13.81
N SER D 139 -51.91 -32.74 -12.58
CA SER D 139 -52.62 -31.71 -11.84
C SER D 139 -52.02 -30.32 -12.00
N LEU D 140 -50.71 -30.23 -12.23
CA LEU D 140 -50.08 -28.94 -12.44
C LEU D 140 -50.49 -28.33 -13.78
N SER D 141 -50.64 -27.00 -13.79
CA SER D 141 -50.93 -26.29 -15.02
C SER D 141 -49.67 -26.23 -15.88
N PRO D 142 -49.82 -25.99 -17.19
CA PRO D 142 -48.64 -25.96 -18.06
C PRO D 142 -47.60 -24.93 -17.65
N THR D 143 -48.02 -23.79 -17.10
CA THR D 143 -47.06 -22.77 -16.68
C THR D 143 -46.16 -23.27 -15.55
N VAL D 144 -46.74 -24.00 -14.60
CA VAL D 144 -45.95 -24.52 -13.48
C VAL D 144 -44.96 -25.57 -13.97
N TRP D 145 -45.36 -26.41 -14.92
CA TRP D 145 -44.41 -27.37 -15.48
C TRP D 145 -43.31 -26.65 -16.25
N PHE D 146 -43.67 -25.59 -16.98
CA PHE D 146 -42.67 -24.81 -17.69
C PHE D 146 -41.65 -24.24 -16.72
N LEU D 147 -42.13 -23.72 -15.58
CA LEU D 147 -41.22 -23.24 -14.54
C LEU D 147 -40.36 -24.36 -14.00
N ARG D 148 -40.94 -25.54 -13.80
CA ARG D 148 -40.18 -26.67 -13.26
C ARG D 148 -39.03 -27.06 -14.18
N GLU D 149 -39.29 -27.11 -15.49
CA GLU D 149 -38.23 -27.43 -16.44
C GLU D 149 -37.22 -26.29 -16.55
N GLY D 150 -37.70 -25.04 -16.52
CA GLY D 150 -36.79 -23.91 -16.59
C GLY D 150 -35.84 -23.82 -15.43
N SER D 151 -36.30 -24.20 -14.23
CA SER D 151 -35.40 -24.19 -13.07
C SER D 151 -34.23 -25.14 -13.28
N MET D 152 -34.52 -26.37 -13.74
CA MET D 152 -33.45 -27.33 -14.02
C MET D 152 -32.53 -26.83 -15.13
N PHE D 153 -33.10 -26.27 -16.20
CA PHE D 153 -32.26 -25.78 -17.28
C PHE D 153 -31.33 -24.66 -16.83
N VAL D 154 -31.85 -23.70 -16.06
CA VAL D 154 -31.01 -22.63 -15.54
C VAL D 154 -29.94 -23.19 -14.61
N ALA D 155 -30.31 -24.14 -13.75
CA ALA D 155 -29.34 -24.69 -12.81
C ALA D 155 -28.20 -25.39 -13.55
N LEU D 156 -28.53 -26.21 -14.55
CA LEU D 156 -27.49 -26.92 -15.27
C LEU D 156 -26.65 -25.97 -16.12
N GLY D 157 -27.27 -24.94 -16.71
CA GLY D 157 -26.50 -23.98 -17.47
C GLY D 157 -25.53 -23.20 -16.60
N ALA D 158 -25.96 -22.79 -15.41
CA ALA D 158 -25.10 -22.04 -14.50
C ALA D 158 -24.08 -22.93 -13.81
N SER D 159 -24.31 -24.25 -13.75
CA SER D 159 -23.31 -25.17 -13.24
C SER D 159 -22.37 -25.68 -14.32
N THR D 160 -22.69 -25.45 -15.59
CA THR D 160 -21.79 -25.79 -16.69
C THR D 160 -20.94 -24.61 -17.15
N CYS D 161 -21.46 -23.38 -17.10
CA CYS D 161 -20.70 -22.22 -17.55
C CYS D 161 -19.59 -21.83 -16.58
N SER D 162 -19.69 -22.23 -15.31
CA SER D 162 -18.66 -21.87 -14.34
C SER D 162 -17.32 -22.52 -14.67
N LEU D 163 -17.36 -23.77 -15.15
CA LEU D 163 -16.12 -24.44 -15.55
C LEU D 163 -15.48 -23.73 -16.73
N LEU D 164 -16.27 -23.30 -17.70
CA LEU D 164 -15.73 -22.55 -18.84
C LEU D 164 -15.14 -21.23 -18.38
N ALA D 165 -15.80 -20.55 -17.44
CA ALA D 165 -15.25 -19.30 -16.91
C ALA D 165 -13.92 -19.55 -16.20
N ILE D 166 -13.83 -20.63 -15.43
CA ILE D 166 -12.58 -20.98 -14.75
C ILE D 166 -11.49 -21.25 -15.77
N ALA D 167 -11.83 -21.95 -16.85
CA ALA D 167 -10.84 -22.21 -17.90
C ALA D 167 -10.37 -20.93 -18.55
N ILE D 168 -11.29 -20.00 -18.84
CA ILE D 168 -10.90 -18.70 -19.40
C ILE D 168 -9.94 -17.98 -18.47
N GLU D 169 -10.28 -17.93 -17.18
CA GLU D 169 -9.44 -17.21 -16.23
C GLU D 169 -8.06 -17.84 -16.14
N ARG D 170 -7.99 -19.18 -16.06
CA ARG D 170 -6.69 -19.85 -15.97
C ARG D 170 -5.86 -19.62 -17.22
N HIS D 171 -6.48 -19.71 -18.40
CA HIS D 171 -5.74 -19.51 -19.63
C HIS D 171 -5.20 -18.09 -19.74
N LEU D 172 -6.02 -17.10 -19.40
CA LEU D 172 -5.55 -15.72 -19.43
C LEU D 172 -4.46 -15.47 -18.40
N THR D 173 -4.56 -16.09 -17.22
CA THR D 173 -3.52 -15.92 -16.21
C THR D 173 -2.19 -16.51 -16.68
N MET D 174 -2.23 -17.73 -17.24
CA MET D 174 -1.01 -18.41 -17.63
C MET D 174 -0.40 -17.86 -18.92
N ILE D 175 -1.22 -17.30 -19.81
CA ILE D 175 -0.74 -16.94 -21.14
C ILE D 175 0.22 -15.75 -21.08
N LYS D 176 0.07 -14.87 -20.10
CA LYS D 176 0.87 -13.65 -20.02
C LYS D 176 1.95 -13.81 -18.95
N MET D 177 3.17 -13.43 -19.29
CA MET D 177 4.33 -13.59 -18.40
C MET D 177 4.39 -12.37 -17.49
N ARG D 178 3.68 -12.44 -16.37
CA ARG D 178 3.67 -11.36 -15.40
C ARG D 178 4.32 -11.82 -14.11
N PRO D 179 5.49 -11.27 -13.74
CA PRO D 179 6.12 -11.67 -12.47
C PRO D 179 5.26 -11.38 -11.25
N TYR D 180 4.46 -10.32 -11.26
CA TYR D 180 3.61 -9.96 -10.15
C TYR D 180 2.22 -9.63 -10.64
N ASP D 181 1.23 -9.81 -9.77
CA ASP D 181 -0.15 -9.53 -10.13
C ASP D 181 -0.40 -8.04 -10.24
N ALA D 182 -1.25 -7.65 -11.17
CA ALA D 182 -1.61 -6.25 -11.38
C ALA D 182 -2.79 -5.80 -10.52
N ASN D 183 -3.44 -6.72 -9.81
CA ASN D 183 -4.56 -6.42 -8.92
C ASN D 183 -5.69 -5.75 -9.71
N LYS D 184 -6.28 -6.55 -10.60
CA LYS D 184 -7.43 -6.15 -11.40
C LYS D 184 -8.58 -7.11 -11.14
N ARG D 185 -9.79 -6.56 -11.06
CA ARG D 185 -10.97 -7.34 -10.71
C ARG D 185 -12.08 -7.29 -11.75
N HIS D 186 -11.86 -6.63 -12.89
CA HIS D 186 -12.90 -6.50 -13.89
C HIS D 186 -13.28 -7.85 -14.49
N ARG D 187 -12.28 -8.71 -14.74
CA ARG D 187 -12.53 -9.95 -15.45
C ARG D 187 -13.44 -10.88 -14.66
N VAL D 188 -13.22 -10.97 -13.34
CA VAL D 188 -14.01 -11.91 -12.53
C VAL D 188 -15.48 -11.53 -12.55
N PHE D 189 -15.78 -10.26 -12.27
CA PHE D 189 -17.17 -9.81 -12.26
C PHE D 189 -17.79 -9.90 -13.64
N LEU D 190 -17.03 -9.54 -14.68
CA LEU D 190 -17.54 -9.62 -16.04
C LEU D 190 -17.92 -11.05 -16.40
N LEU D 191 -17.03 -12.01 -16.10
CA LEU D 191 -17.30 -13.40 -16.42
C LEU D 191 -18.48 -13.93 -15.63
N ILE D 192 -18.56 -13.61 -14.33
CA ILE D 192 -19.67 -14.10 -13.52
C ILE D 192 -21.00 -13.55 -14.04
N GLY D 193 -21.05 -12.25 -14.32
CA GLY D 193 -22.27 -11.67 -14.84
C GLY D 193 -22.66 -12.24 -16.19
N MET D 194 -21.66 -12.43 -17.08
CA MET D 194 -21.95 -12.94 -18.41
C MET D 194 -22.49 -14.38 -18.34
N CYS D 195 -21.86 -15.22 -17.52
CA CYS D 195 -22.33 -16.60 -17.41
C CYS D 195 -23.71 -16.68 -16.78
N TRP D 196 -23.97 -15.88 -15.75
CA TRP D 196 -25.30 -15.86 -15.15
C TRP D 196 -26.34 -15.39 -16.14
N LEU D 197 -26.04 -14.34 -16.91
CA LEU D 197 -26.98 -13.84 -17.89
C LEU D 197 -27.26 -14.88 -18.97
N ILE D 198 -26.21 -15.57 -19.45
CA ILE D 198 -26.41 -16.61 -20.47
C ILE D 198 -27.29 -17.73 -19.92
N ALA D 199 -27.02 -18.17 -18.70
CA ALA D 199 -27.81 -19.25 -18.11
C ALA D 199 -29.26 -18.83 -17.95
N PHE D 200 -29.50 -17.62 -17.45
CA PHE D 200 -30.87 -17.16 -17.25
C PHE D 200 -31.61 -17.02 -18.58
N THR D 201 -30.93 -16.47 -19.59
CA THR D 201 -31.57 -16.32 -20.91
C THR D 201 -31.90 -17.67 -21.51
N LEU D 202 -30.97 -18.62 -21.44
CA LEU D 202 -31.23 -19.95 -21.98
C LEU D 202 -32.39 -20.62 -21.25
N GLY D 203 -32.45 -20.48 -19.93
CA GLY D 203 -33.53 -21.08 -19.17
C GLY D 203 -34.88 -20.45 -19.46
N ALA D 204 -34.91 -19.13 -19.65
CA ALA D 204 -36.16 -18.41 -19.87
C ALA D 204 -36.60 -18.39 -21.33
N LEU D 205 -35.74 -18.82 -22.25
CA LEU D 205 -36.13 -18.84 -23.67
C LEU D 205 -37.31 -19.76 -23.97
N PRO D 206 -37.31 -21.05 -23.56
CA PRO D 206 -38.39 -21.94 -24.01
C PRO D 206 -39.78 -21.54 -23.56
N ILE D 207 -39.92 -20.95 -22.37
CA ILE D 207 -41.24 -20.56 -21.88
C ILE D 207 -41.80 -19.37 -22.63
N LEU D 208 -40.94 -18.62 -23.34
CA LEU D 208 -41.35 -17.41 -24.05
C LEU D 208 -41.84 -17.69 -25.47
N GLY D 209 -42.29 -18.90 -25.76
CA GLY D 209 -42.88 -19.17 -27.05
C GLY D 209 -42.49 -20.48 -27.71
N TRP D 210 -41.28 -20.94 -27.48
CA TRP D 210 -40.80 -22.17 -28.13
C TRP D 210 -41.42 -23.37 -27.44
N ASN D 211 -42.58 -23.79 -27.95
CA ASN D 211 -43.31 -24.94 -27.43
C ASN D 211 -43.84 -25.74 -28.61
N CYS D 212 -44.65 -26.76 -28.30
CA CYS D 212 -45.32 -27.56 -29.33
C CYS D 212 -46.79 -27.72 -29.03
N LEU D 213 -47.38 -26.75 -28.32
CA LEU D 213 -48.78 -26.85 -27.92
C LEU D 213 -49.71 -26.94 -29.12
N HIS D 214 -49.46 -26.13 -30.15
CA HIS D 214 -50.27 -26.15 -31.36
C HIS D 214 -49.65 -26.99 -32.47
N ASN D 215 -48.45 -27.53 -32.26
CA ASN D 215 -47.74 -28.35 -33.25
C ASN D 215 -47.44 -29.69 -32.59
N LEU D 216 -48.34 -30.67 -32.78
CA LEU D 216 -48.17 -31.97 -32.14
C LEU D 216 -46.89 -32.70 -32.55
N PRO D 217 -46.59 -32.89 -33.85
CA PRO D 217 -45.41 -33.69 -34.19
C PRO D 217 -44.08 -33.08 -33.78
N ASP D 218 -43.98 -31.75 -33.74
CA ASP D 218 -42.68 -31.09 -33.65
C ASP D 218 -42.27 -30.82 -32.20
N CYS D 219 -42.09 -31.90 -31.44
CA CYS D 219 -41.47 -31.83 -30.13
C CYS D 219 -41.02 -33.22 -29.70
N SER D 220 -40.10 -33.25 -28.74
CA SER D 220 -39.36 -34.45 -28.41
C SER D 220 -40.14 -35.35 -27.45
N THR D 221 -39.66 -36.59 -27.33
CA THR D 221 -40.31 -37.59 -26.48
C THR D 221 -40.02 -37.34 -24.99
N ILE D 222 -38.77 -37.03 -24.65
CA ILE D 222 -38.40 -36.84 -23.25
C ILE D 222 -39.19 -35.69 -22.64
N LEU D 223 -39.25 -34.57 -23.35
CA LEU D 223 -40.02 -33.41 -22.91
C LEU D 223 -41.22 -33.24 -23.83
N PRO D 224 -42.43 -33.64 -23.42
CA PRO D 224 -43.56 -33.69 -24.36
C PRO D 224 -43.97 -32.34 -24.91
N LEU D 225 -43.60 -31.23 -24.28
CA LEU D 225 -44.04 -29.92 -24.75
C LEU D 225 -42.89 -29.05 -25.25
N TYR D 226 -41.70 -29.62 -25.41
CA TYR D 226 -40.53 -28.86 -25.81
C TYR D 226 -40.05 -29.34 -27.18
N SER D 227 -39.85 -28.40 -28.09
CA SER D 227 -39.51 -28.72 -29.47
C SER D 227 -38.10 -29.29 -29.58
N LYS D 228 -37.87 -30.01 -30.68
CA LYS D 228 -36.57 -30.63 -30.91
C LYS D 228 -35.51 -29.59 -31.27
N LYS D 229 -35.93 -28.45 -31.82
CA LYS D 229 -34.97 -27.40 -32.20
C LYS D 229 -34.24 -26.87 -30.98
N TYR D 230 -34.95 -26.68 -29.87
CA TYR D 230 -34.32 -26.21 -28.65
C TYR D 230 -33.28 -27.20 -28.14
N ILE D 231 -33.60 -28.49 -28.20
CA ILE D 231 -32.66 -29.53 -27.77
C ILE D 231 -31.43 -29.53 -28.67
N ALA D 232 -31.64 -29.39 -29.98
CA ALA D 232 -30.51 -29.34 -30.91
C ALA D 232 -29.62 -28.13 -30.63
N PHE D 233 -30.23 -26.98 -30.37
CA PHE D 233 -29.46 -25.79 -30.03
C PHE D 233 -28.66 -26.00 -28.74
N CYS D 234 -29.27 -26.61 -27.74
CA CYS D 234 -28.57 -26.90 -26.49
C CYS D 234 -27.40 -27.85 -26.73
N ILE D 235 -27.59 -28.86 -27.57
CA ILE D 235 -26.52 -29.80 -27.88
C ILE D 235 -25.37 -29.08 -28.57
N SER D 236 -25.69 -28.20 -29.52
CA SER D 236 -24.64 -27.45 -30.21
C SER D 236 -23.86 -26.56 -29.25
N ILE D 237 -24.56 -25.86 -28.35
CA ILE D 237 -23.88 -25.02 -27.38
C ILE D 237 -22.99 -25.86 -26.46
N PHE D 238 -23.51 -27.00 -26.01
CA PHE D 238 -22.73 -27.86 -25.12
C PHE D 238 -21.48 -28.39 -25.80
N THR D 239 -21.60 -28.82 -27.06
CA THR D 239 -20.42 -29.35 -27.74
C THR D 239 -19.40 -28.25 -28.04
N ALA D 240 -19.86 -27.03 -28.34
CA ALA D 240 -18.93 -25.93 -28.51
C ALA D 240 -18.19 -25.63 -27.20
N ILE D 241 -18.92 -25.64 -26.08
CA ILE D 241 -18.29 -25.39 -24.79
C ILE D 241 -17.28 -26.48 -24.46
N LEU D 242 -17.63 -27.74 -24.75
CA LEU D 242 -16.71 -28.85 -24.48
C LEU D 242 -15.44 -28.73 -25.32
N VAL D 243 -15.59 -28.39 -26.61
CA VAL D 243 -14.42 -28.23 -27.46
C VAL D 243 -13.53 -27.10 -26.95
N THR D 244 -14.14 -25.98 -26.57
CA THR D 244 -13.36 -24.85 -26.06
C THR D 244 -12.61 -25.22 -24.79
N ILE D 245 -13.28 -25.93 -23.87
CA ILE D 245 -12.65 -26.32 -22.62
C ILE D 245 -11.49 -27.27 -22.87
N VAL D 246 -11.68 -28.23 -23.78
CA VAL D 246 -10.63 -29.19 -24.09
C VAL D 246 -9.42 -28.47 -24.68
N ILE D 247 -9.66 -27.53 -25.62
CA ILE D 247 -8.56 -26.80 -26.23
C ILE D 247 -7.82 -25.96 -25.19
N LEU D 248 -8.55 -25.29 -24.30
CA LEU D 248 -7.93 -24.46 -23.29
C LEU D 248 -7.06 -25.28 -22.34
N TYR D 249 -7.55 -26.44 -21.91
CA TYR D 249 -6.73 -27.27 -21.03
C TYR D 249 -5.57 -27.92 -21.77
N ALA D 250 -5.70 -28.12 -23.08
CA ALA D 250 -4.62 -28.73 -23.83
C ALA D 250 -3.48 -27.75 -24.11
N ARG D 251 -3.81 -26.47 -24.34
CA ARG D 251 -2.80 -25.51 -24.77
C ARG D 251 -1.96 -24.93 -23.63
N ILE D 252 -1.92 -25.57 -22.46
CA ILE D 252 -1.10 -25.10 -21.35
C ILE D 252 0.06 -26.06 -21.06
N TYR D 253 -0.22 -27.37 -21.07
CA TYR D 253 0.81 -28.35 -20.77
C TYR D 253 1.94 -28.31 -21.79
N PHE D 254 1.62 -28.08 -23.06
CA PHE D 254 2.64 -27.99 -24.09
C PHE D 254 3.60 -26.84 -23.80
N LEU D 255 3.06 -25.66 -23.46
CA LEU D 255 3.90 -24.52 -23.13
C LEU D 255 4.75 -24.79 -21.90
N VAL D 256 4.14 -25.40 -20.86
CA VAL D 256 4.87 -25.66 -19.63
C VAL D 256 6.03 -26.62 -19.90
N LYS D 257 5.77 -27.69 -20.65
CA LYS D 257 6.82 -28.65 -20.98
C LYS D 257 7.91 -28.03 -21.82
N SER D 258 7.53 -27.21 -22.81
CA SER D 258 8.53 -26.57 -23.66
C SER D 258 9.42 -25.64 -22.86
N SER D 259 8.83 -24.88 -21.92
CA SER D 259 9.63 -23.99 -21.09
C SER D 259 10.54 -24.77 -20.14
N SER D 260 10.03 -25.87 -19.56
CA SER D 260 10.81 -26.64 -18.62
C SER D 260 11.89 -27.49 -19.30
N ARG D 261 11.78 -27.71 -20.60
CA ARG D 261 12.79 -28.52 -21.29
C ARG D 261 14.15 -27.83 -21.33
N LYS D 262 14.17 -26.50 -21.39
CA LYS D 262 15.43 -25.79 -21.52
C LYS D 262 16.33 -26.01 -20.31
N VAL D 263 15.77 -25.95 -19.11
CA VAL D 263 16.50 -26.21 -17.87
C VAL D 263 15.96 -27.52 -17.30
N ALA D 264 16.75 -28.58 -17.44
CA ALA D 264 16.31 -29.93 -17.09
C ALA D 264 16.75 -30.26 -15.67
N ASN D 265 15.77 -30.36 -14.77
CA ASN D 265 15.99 -30.79 -13.39
C ASN D 265 14.93 -31.82 -13.04
N HIS D 266 15.07 -32.43 -11.85
CA HIS D 266 14.08 -33.38 -11.38
C HIS D 266 12.78 -32.68 -11.01
N ASN D 267 12.88 -31.49 -10.42
CA ASN D 267 11.68 -30.75 -10.04
C ASN D 267 10.84 -30.36 -11.25
N ASN D 268 11.50 -29.94 -12.33
CA ASN D 268 10.77 -29.59 -13.54
C ASN D 268 10.02 -30.79 -14.11
N SER D 269 10.69 -31.95 -14.15
CA SER D 269 10.05 -33.15 -14.67
C SER D 269 8.87 -33.58 -13.81
N GLU D 270 9.03 -33.54 -12.49
CA GLU D 270 7.93 -33.94 -11.61
C GLU D 270 6.77 -32.95 -11.70
N ARG D 271 7.06 -31.66 -11.84
CA ARG D 271 6.00 -30.66 -12.01
C ARG D 271 5.25 -30.89 -13.31
N SER D 272 5.98 -31.17 -14.41
CA SER D 272 5.32 -31.44 -15.68
C SER D 272 4.44 -32.68 -15.60
N MET D 273 4.95 -33.74 -14.96
CA MET D 273 4.15 -34.96 -14.82
C MET D 273 2.89 -34.71 -13.99
N ALA D 274 3.02 -33.97 -12.89
CA ALA D 274 1.85 -33.65 -12.06
C ALA D 274 0.83 -32.83 -12.84
N LEU D 275 1.31 -31.83 -13.60
CA LEU D 275 0.39 -31.02 -14.40
C LEU D 275 -0.33 -31.86 -15.45
N LEU D 276 0.40 -32.75 -16.12
CA LEU D 276 -0.22 -33.62 -17.11
C LEU D 276 -1.28 -34.51 -16.47
N ARG D 277 -0.96 -35.09 -15.32
CA ARG D 277 -1.92 -35.96 -14.63
C ARG D 277 -3.18 -35.18 -14.23
N THR D 278 -2.99 -33.97 -13.69
CA THR D 278 -4.13 -33.17 -13.27
C THR D 278 -5.01 -32.79 -14.46
N VAL D 279 -4.38 -32.38 -15.57
CA VAL D 279 -5.15 -31.99 -16.75
C VAL D 279 -5.95 -33.17 -17.30
N VAL D 280 -5.29 -34.34 -17.41
CA VAL D 280 -5.98 -35.51 -17.92
C VAL D 280 -7.14 -35.90 -17.00
N ILE D 281 -6.92 -35.89 -15.69
CA ILE D 281 -7.97 -36.26 -14.75
C ILE D 281 -9.16 -35.31 -14.89
N VAL D 282 -8.90 -34.01 -14.93
CA VAL D 282 -9.98 -33.03 -15.01
C VAL D 282 -10.77 -33.22 -16.30
N VAL D 283 -10.06 -33.35 -17.43
CA VAL D 283 -10.73 -33.46 -18.72
C VAL D 283 -11.57 -34.74 -18.78
N SER D 284 -10.99 -35.86 -18.34
CA SER D 284 -11.73 -37.13 -18.38
C SER D 284 -12.95 -37.08 -17.48
N VAL D 285 -12.81 -36.54 -16.27
CA VAL D 285 -13.94 -36.48 -15.35
C VAL D 285 -15.05 -35.61 -15.93
N PHE D 286 -14.70 -34.46 -16.51
CA PHE D 286 -15.73 -33.60 -17.09
C PHE D 286 -16.42 -34.27 -18.27
N ILE D 287 -15.66 -34.93 -19.15
CA ILE D 287 -16.24 -35.49 -20.36
C ILE D 287 -17.12 -36.71 -20.04
N ALA D 288 -16.63 -37.61 -19.18
CA ALA D 288 -17.27 -38.92 -19.05
C ALA D 288 -18.68 -38.83 -18.50
N CYS D 289 -18.95 -37.88 -17.62
CA CYS D 289 -20.28 -37.79 -17.00
C CYS D 289 -21.25 -36.99 -17.85
N TRP D 290 -20.78 -35.94 -18.53
CA TRP D 290 -21.67 -35.12 -19.35
C TRP D 290 -21.93 -35.71 -20.73
N SER D 291 -21.12 -36.66 -21.19
CA SER D 291 -21.35 -37.25 -22.51
C SER D 291 -22.66 -38.00 -22.61
N PRO D 292 -23.01 -38.94 -21.71
CA PRO D 292 -24.19 -39.78 -21.97
C PRO D 292 -25.51 -39.02 -22.09
N LEU D 293 -25.69 -37.95 -21.31
CA LEU D 293 -26.95 -37.21 -21.38
C LEU D 293 -27.17 -36.59 -22.75
N PHE D 294 -26.13 -35.95 -23.30
CA PHE D 294 -26.28 -35.35 -24.62
C PHE D 294 -26.25 -36.38 -25.72
N ILE D 295 -25.61 -37.53 -25.49
CA ILE D 295 -25.75 -38.63 -26.44
C ILE D 295 -27.20 -39.10 -26.51
N LEU D 296 -27.85 -39.21 -25.35
CA LEU D 296 -29.27 -39.58 -25.32
C LEU D 296 -30.11 -38.51 -25.99
N PHE D 297 -29.78 -37.24 -25.77
CA PHE D 297 -30.52 -36.16 -26.44
C PHE D 297 -30.37 -36.24 -27.96
N LEU D 298 -29.16 -36.53 -28.44
CA LEU D 298 -28.95 -36.69 -29.88
C LEU D 298 -29.73 -37.87 -30.42
N ILE D 299 -29.76 -38.98 -29.68
CA ILE D 299 -30.56 -40.14 -30.10
C ILE D 299 -32.04 -39.76 -30.18
N ASP D 300 -32.53 -39.03 -29.17
CA ASP D 300 -33.92 -38.59 -29.18
C ASP D 300 -34.22 -37.72 -30.39
N VAL D 301 -33.29 -36.81 -30.72
CA VAL D 301 -33.46 -35.99 -31.92
C VAL D 301 -33.51 -36.86 -33.17
N ALA D 302 -32.68 -37.90 -33.20
CA ALA D 302 -32.61 -38.80 -34.36
C ALA D 302 -33.61 -39.95 -34.31
N CYS D 303 -34.34 -40.12 -33.20
CA CYS D 303 -35.28 -41.22 -33.07
C CYS D 303 -36.66 -40.80 -33.55
N ARG D 304 -37.59 -41.75 -33.53
CA ARG D 304 -38.97 -41.53 -33.93
C ARG D 304 -39.89 -41.86 -32.76
N VAL D 305 -41.20 -41.84 -33.01
CA VAL D 305 -42.18 -42.13 -31.98
C VAL D 305 -42.24 -43.64 -31.77
N GLN D 306 -42.15 -44.06 -30.49
CA GLN D 306 -42.24 -45.45 -30.08
C GLN D 306 -41.11 -46.31 -30.66
N ALA D 307 -40.16 -45.67 -31.36
CA ALA D 307 -39.08 -46.43 -31.98
C ALA D 307 -38.01 -46.84 -30.96
N CYS D 308 -37.73 -45.98 -29.98
CA CYS D 308 -36.64 -46.22 -29.04
C CYS D 308 -37.19 -46.49 -27.64
N PRO D 309 -37.21 -47.73 -27.17
CA PRO D 309 -37.64 -47.98 -25.78
C PRO D 309 -36.66 -47.45 -24.75
N ILE D 310 -35.36 -47.57 -25.01
CA ILE D 310 -34.35 -47.11 -24.07
C ILE D 310 -34.47 -45.62 -23.80
N LEU D 311 -35.18 -44.90 -24.66
CA LEU D 311 -35.41 -43.47 -24.46
C LEU D 311 -36.25 -43.19 -23.22
N PHE D 312 -36.96 -44.19 -22.69
CA PHE D 312 -37.82 -43.97 -21.53
C PHE D 312 -37.07 -44.05 -20.20
N LYS D 313 -35.78 -44.36 -20.21
CA LYS D 313 -34.99 -44.49 -18.99
C LYS D 313 -34.01 -43.33 -18.81
N ALA D 314 -34.45 -42.12 -19.14
CA ALA D 314 -33.58 -40.94 -19.09
C ALA D 314 -33.15 -40.58 -17.67
N GLN D 315 -33.81 -41.11 -16.64
CA GLN D 315 -33.42 -40.78 -15.27
C GLN D 315 -32.02 -41.29 -14.95
N TRP D 316 -31.69 -42.49 -15.42
CA TRP D 316 -30.36 -43.05 -15.18
C TRP D 316 -29.27 -42.29 -15.92
N PHE D 317 -29.64 -41.45 -16.88
CA PHE D 317 -28.67 -40.58 -17.55
C PHE D 317 -28.62 -39.19 -16.95
N ILE D 318 -29.75 -38.71 -16.41
CA ILE D 318 -29.73 -37.44 -15.68
C ILE D 318 -28.95 -37.57 -14.38
N VAL D 319 -29.05 -38.73 -13.73
CA VAL D 319 -28.31 -38.95 -12.49
C VAL D 319 -26.81 -38.90 -12.73
N LEU D 320 -26.36 -39.16 -13.96
CA LEU D 320 -24.93 -39.03 -14.26
C LEU D 320 -24.48 -37.58 -14.20
N ALA D 321 -25.25 -36.67 -14.78
CA ALA D 321 -24.93 -35.24 -14.66
C ALA D 321 -25.07 -34.78 -13.21
N VAL D 322 -26.03 -35.35 -12.48
CA VAL D 322 -26.17 -35.01 -11.06
C VAL D 322 -24.92 -35.43 -10.29
N LEU D 323 -24.39 -36.62 -10.58
CA LEU D 323 -23.17 -37.08 -9.94
C LEU D 323 -21.97 -36.26 -10.37
N ASN D 324 -21.96 -35.76 -11.62
CA ASN D 324 -20.90 -34.86 -12.05
C ASN D 324 -20.93 -33.57 -11.23
N SER D 325 -22.12 -33.02 -11.01
CA SER D 325 -22.25 -31.84 -10.14
C SER D 325 -21.83 -32.18 -8.71
N ALA D 326 -22.05 -33.42 -8.29
CA ALA D 326 -21.58 -33.85 -6.97
C ALA D 326 -20.06 -33.85 -6.88
N MET D 327 -19.39 -34.36 -7.92
CA MET D 327 -17.95 -34.53 -7.90
C MET D 327 -17.19 -33.29 -8.32
N ASN D 328 -17.86 -32.27 -8.86
CA ASN D 328 -17.17 -31.05 -9.26
C ASN D 328 -16.41 -30.37 -8.12
N PRO D 329 -16.98 -30.16 -6.93
CA PRO D 329 -16.21 -29.48 -5.87
C PRO D 329 -15.09 -30.32 -5.27
N VAL D 330 -14.97 -31.60 -5.64
CA VAL D 330 -13.91 -32.43 -5.08
C VAL D 330 -12.58 -32.16 -5.77
N ILE D 331 -12.57 -32.21 -7.10
CA ILE D 331 -11.32 -32.02 -7.84
C ILE D 331 -10.85 -30.58 -7.75
N TYR D 332 -11.76 -29.62 -7.90
CA TYR D 332 -11.38 -28.22 -7.96
C TYR D 332 -10.96 -27.64 -6.61
N THR D 333 -11.10 -28.39 -5.53
CA THR D 333 -10.77 -27.86 -4.21
C THR D 333 -9.71 -28.71 -3.51
N LEU D 334 -9.64 -30.01 -3.85
CA LEU D 334 -8.74 -30.94 -3.20
C LEU D 334 -7.61 -31.39 -4.12
N ALA D 335 -7.18 -30.52 -5.04
CA ALA D 335 -6.08 -30.82 -5.95
C ALA D 335 -4.93 -29.82 -5.84
N SER D 336 -5.01 -28.87 -4.91
CA SER D 336 -3.96 -27.89 -4.71
C SER D 336 -3.62 -27.78 -3.23
N LYS D 337 -2.38 -27.39 -2.94
CA LYS D 337 -1.91 -27.36 -1.57
C LYS D 337 -2.64 -26.29 -0.75
N GLU D 338 -2.74 -25.07 -1.28
CA GLU D 338 -3.34 -23.99 -0.52
C GLU D 338 -4.81 -24.25 -0.22
N MET D 339 -5.56 -24.71 -1.22
CA MET D 339 -6.98 -25.00 -1.02
C MET D 339 -7.17 -26.10 0.02
N ARG D 340 -6.38 -27.16 -0.09
CA ARG D 340 -6.51 -28.28 0.85
C ARG D 340 -6.16 -27.85 2.27
N ARG D 341 -5.08 -27.07 2.42
CA ARG D 341 -4.70 -26.59 3.76
C ARG D 341 -5.78 -25.67 4.34
N ALA D 342 -6.35 -24.79 3.51
CA ALA D 342 -7.41 -23.92 3.99
C ALA D 342 -8.64 -24.71 4.41
N PHE D 343 -9.00 -25.73 3.63
CA PHE D 343 -10.15 -26.55 3.98
C PHE D 343 -9.90 -27.34 5.26
N PHE D 344 -8.70 -27.89 5.42
CA PHE D 344 -8.41 -28.71 6.59
C PHE D 344 -8.31 -27.86 7.85
N ARG D 345 -7.71 -26.67 7.76
CA ARG D 345 -7.57 -25.82 8.93
C ARG D 345 -8.92 -25.36 9.46
N LEU D 346 -9.83 -24.99 8.57
CA LEU D 346 -11.15 -24.54 8.96
C LEU D 346 -12.25 -25.38 8.31
N VAL E 2 5.74 33.20 -11.71
CA VAL E 2 4.31 33.02 -11.96
C VAL E 2 3.72 34.27 -12.61
N GLN E 3 2.95 34.07 -13.68
CA GLN E 3 2.31 35.17 -14.38
C GLN E 3 1.19 34.63 -15.25
N LEU E 4 0.23 35.50 -15.56
CA LEU E 4 -0.88 35.17 -16.45
C LEU E 4 -1.01 36.28 -17.49
N VAL E 5 -1.06 35.88 -18.77
CA VAL E 5 -1.17 36.83 -19.88
C VAL E 5 -2.46 36.51 -20.62
N GLU E 6 -3.31 37.52 -20.77
CA GLU E 6 -4.62 37.36 -21.40
C GLU E 6 -4.69 38.23 -22.65
N SER E 7 -5.43 37.73 -23.64
CA SER E 7 -5.59 38.43 -24.92
C SER E 7 -6.88 37.97 -25.56
N GLY E 8 -7.29 38.71 -26.60
CA GLY E 8 -8.49 38.40 -27.35
C GLY E 8 -9.59 39.43 -27.24
N GLY E 9 -9.45 40.42 -26.37
CA GLY E 9 -10.47 41.44 -26.23
C GLY E 9 -10.45 42.44 -27.38
N GLY E 10 -11.52 43.21 -27.46
CA GLY E 10 -11.64 44.21 -28.50
C GLY E 10 -13.07 44.71 -28.62
N LEU E 11 -13.36 45.34 -29.75
CA LEU E 11 -14.68 45.89 -30.04
C LEU E 11 -15.40 44.98 -31.03
N VAL E 12 -16.62 44.57 -30.68
CA VAL E 12 -17.43 43.69 -31.52
C VAL E 12 -18.83 44.25 -31.64
N GLN E 13 -19.49 43.87 -32.73
CA GLN E 13 -20.88 44.23 -32.96
C GLN E 13 -21.81 43.39 -32.09
N PRO E 14 -23.05 43.85 -31.88
CA PRO E 14 -23.99 43.03 -31.11
C PRO E 14 -24.23 41.65 -31.71
N GLY E 15 -24.16 41.52 -33.03
CA GLY E 15 -24.28 40.23 -33.66
C GLY E 15 -22.93 39.63 -34.05
N GLY E 16 -22.46 38.69 -33.25
CA GLY E 16 -21.17 38.06 -33.51
C GLY E 16 -20.67 37.33 -32.30
N SER E 17 -19.60 36.57 -32.51
CA SER E 17 -18.98 35.76 -31.47
C SER E 17 -17.50 36.09 -31.36
N ARG E 18 -16.97 35.94 -30.15
CA ARG E 18 -15.56 36.18 -29.88
C ARG E 18 -15.08 35.23 -28.80
N LYS E 19 -13.78 34.94 -28.82
CA LYS E 19 -13.16 34.06 -27.84
C LYS E 19 -12.01 34.78 -27.16
N LEU E 20 -11.76 34.43 -25.90
CA LEU E 20 -10.66 34.97 -25.12
C LEU E 20 -9.72 33.85 -24.70
N SER E 21 -8.45 34.16 -24.60
CA SER E 21 -7.41 33.18 -24.27
C SER E 21 -6.49 33.74 -23.20
N CYS E 22 -5.98 32.84 -22.37
CA CYS E 22 -5.00 33.20 -21.35
C CYS E 22 -3.90 32.15 -21.33
N SER E 23 -2.66 32.60 -21.15
CA SER E 23 -1.50 31.73 -21.11
C SER E 23 -0.88 31.77 -19.72
N ALA E 24 -0.67 30.59 -19.14
CA ALA E 24 -0.11 30.46 -17.81
C ALA E 24 1.34 30.00 -17.88
N SER E 25 2.15 30.51 -16.95
CA SER E 25 3.55 30.13 -16.87
C SER E 25 4.05 30.35 -15.45
N GLY E 26 5.15 29.67 -15.12
CA GLY E 26 5.75 29.81 -13.81
C GLY E 26 5.17 28.95 -12.71
N PHE E 27 4.19 28.10 -13.03
CA PHE E 27 3.60 27.22 -12.03
C PHE E 27 3.00 26.00 -12.74
N ALA E 28 2.52 25.05 -11.94
CA ALA E 28 1.94 23.81 -12.47
C ALA E 28 0.48 24.07 -12.81
N PHE E 29 0.23 24.38 -14.09
CA PHE E 29 -1.12 24.67 -14.55
C PHE E 29 -2.02 23.45 -14.52
N SER E 30 -1.45 22.24 -14.50
CA SER E 30 -2.25 21.02 -14.57
C SER E 30 -2.97 20.70 -13.26
N SER E 31 -2.61 21.35 -12.15
CA SER E 31 -3.21 21.06 -10.86
C SER E 31 -3.82 22.31 -10.21
N PHE E 32 -4.19 23.31 -11.01
CA PHE E 32 -4.76 24.56 -10.49
C PHE E 32 -6.12 24.79 -11.17
N GLY E 33 -7.16 24.94 -10.35
CA GLY E 33 -8.44 25.33 -10.89
C GLY E 33 -8.43 26.78 -11.35
N MET E 34 -9.33 27.08 -12.29
CA MET E 34 -9.38 28.40 -12.91
C MET E 34 -10.77 29.01 -12.78
N HIS E 35 -10.80 30.32 -12.62
CA HIS E 35 -12.04 31.08 -12.52
C HIS E 35 -11.98 32.28 -13.45
N TRP E 36 -13.14 32.71 -13.92
CA TRP E 36 -13.28 33.92 -14.73
C TRP E 36 -14.08 34.95 -13.96
N VAL E 37 -13.59 36.19 -13.95
CA VAL E 37 -14.22 37.28 -13.21
C VAL E 37 -14.47 38.43 -14.18
N ARG E 38 -15.70 38.94 -14.17
CA ARG E 38 -16.12 40.05 -15.03
C ARG E 38 -16.31 41.29 -14.18
N GLN E 39 -15.72 42.41 -14.60
CA GLN E 39 -15.78 43.67 -13.87
C GLN E 39 -16.33 44.75 -14.79
N ALA E 40 -17.56 45.18 -14.52
CA ALA E 40 -18.17 46.23 -15.33
C ALA E 40 -17.51 47.57 -15.04
N PRO E 41 -17.40 48.44 -16.05
CA PRO E 41 -16.79 49.76 -15.81
C PRO E 41 -17.59 50.57 -14.80
N GLU E 42 -16.88 51.24 -13.91
CA GLU E 42 -17.46 52.11 -12.88
C GLU E 42 -18.48 51.38 -12.01
N LYS E 43 -18.39 50.06 -11.92
CA LYS E 43 -19.32 49.26 -11.13
C LYS E 43 -18.52 48.15 -10.44
N GLY E 44 -19.24 47.18 -9.88
CA GLY E 44 -18.63 46.07 -9.20
C GLY E 44 -18.22 44.97 -10.17
N LEU E 45 -17.75 43.86 -9.60
CA LEU E 45 -17.30 42.71 -10.38
C LEU E 45 -18.00 41.46 -9.88
N GLU E 46 -18.27 40.54 -10.83
CA GLU E 46 -19.01 39.32 -10.52
C GLU E 46 -18.33 38.13 -11.18
N TRP E 47 -18.56 36.96 -10.59
CA TRP E 47 -18.00 35.71 -11.10
C TRP E 47 -18.73 35.26 -12.36
N VAL E 48 -18.00 34.55 -13.23
CA VAL E 48 -18.56 34.12 -14.52
C VAL E 48 -18.62 32.61 -14.60
N ALA E 49 -17.45 31.95 -14.52
CA ALA E 49 -17.39 30.52 -14.72
C ALA E 49 -16.21 29.94 -13.95
N TYR E 50 -16.25 28.62 -13.76
CA TYR E 50 -15.20 27.92 -13.02
C TYR E 50 -15.01 26.54 -13.63
N ILE E 51 -13.75 26.15 -13.81
CA ILE E 51 -13.40 24.83 -14.29
C ILE E 51 -12.43 24.19 -13.30
N SER E 52 -12.64 22.90 -13.03
CA SER E 52 -11.85 22.19 -12.04
C SER E 52 -10.57 21.63 -12.67
N SER E 53 -9.78 20.95 -11.86
CA SER E 53 -8.54 20.33 -12.33
C SER E 53 -8.86 18.99 -12.98
N GLY E 54 -8.60 18.88 -14.27
CA GLY E 54 -8.94 17.70 -15.03
C GLY E 54 -10.26 17.75 -15.77
N SER E 55 -10.88 18.93 -15.86
CA SER E 55 -12.16 19.11 -16.55
C SER E 55 -13.24 18.19 -15.97
N GLY E 56 -13.24 18.06 -14.64
CA GLY E 56 -14.22 17.22 -13.98
C GLY E 56 -15.57 17.89 -13.78
N THR E 57 -15.57 19.07 -13.18
CA THR E 57 -16.79 19.83 -12.92
C THR E 57 -16.66 21.21 -13.54
N ILE E 58 -17.69 21.63 -14.28
CA ILE E 58 -17.74 22.94 -14.91
C ILE E 58 -18.99 23.66 -14.41
N TYR E 59 -18.80 24.87 -13.89
CA TYR E 59 -19.89 25.67 -13.34
C TYR E 59 -20.03 26.96 -14.11
N TYR E 60 -21.27 27.37 -14.36
CA TYR E 60 -21.56 28.59 -15.10
C TYR E 60 -22.48 29.47 -14.27
N ALA E 61 -22.37 30.78 -14.49
CA ALA E 61 -23.23 31.74 -13.81
C ALA E 61 -24.63 31.70 -14.41
N ASP E 62 -25.63 31.90 -13.53
CA ASP E 62 -27.02 31.84 -13.99
C ASP E 62 -27.34 32.98 -14.95
N THR E 63 -26.61 34.09 -14.87
CA THR E 63 -26.88 35.22 -15.76
C THR E 63 -26.59 34.85 -17.21
N VAL E 64 -25.49 34.14 -17.46
CA VAL E 64 -25.08 33.81 -18.82
C VAL E 64 -25.01 32.30 -19.00
N LYS E 65 -25.84 31.57 -18.26
CA LYS E 65 -25.87 30.12 -18.38
C LYS E 65 -26.37 29.71 -19.75
N GLY E 66 -25.68 28.74 -20.36
CA GLY E 66 -26.04 28.26 -21.68
C GLY E 66 -25.55 29.10 -22.83
N ARG E 67 -24.79 30.17 -22.57
CA ARG E 67 -24.29 31.05 -23.61
C ARG E 67 -22.77 31.06 -23.70
N PHE E 68 -22.06 30.90 -22.60
CA PHE E 68 -20.60 30.91 -22.58
C PHE E 68 -20.07 29.49 -22.48
N THR E 69 -18.88 29.28 -23.06
CA THR E 69 -18.22 27.98 -23.03
C THR E 69 -16.77 28.17 -22.61
N ILE E 70 -16.36 27.42 -21.59
CA ILE E 70 -15.00 27.47 -21.06
C ILE E 70 -14.35 26.11 -21.27
N SER E 71 -13.13 26.12 -21.83
CA SER E 71 -12.38 24.91 -22.08
C SER E 71 -10.95 25.08 -21.58
N ARG E 72 -10.31 23.95 -21.29
CA ARG E 72 -8.97 23.93 -20.71
C ARG E 72 -8.06 23.07 -21.57
N ASP E 73 -6.81 23.53 -21.73
CA ASP E 73 -5.79 22.81 -22.47
C ASP E 73 -4.57 22.67 -21.58
N ASP E 74 -4.37 21.48 -21.02
CA ASP E 74 -3.29 21.22 -20.07
C ASP E 74 -1.91 21.14 -20.73
N PRO E 75 -1.74 20.41 -21.85
CA PRO E 75 -0.39 20.33 -22.44
C PRO E 75 0.20 21.68 -22.82
N LYS E 76 -0.63 22.61 -23.30
CA LYS E 76 -0.14 23.91 -23.75
C LYS E 76 -0.30 25.02 -22.72
N ASN E 77 -0.86 24.70 -21.55
CA ASN E 77 -1.05 25.67 -20.46
C ASN E 77 -1.84 26.89 -20.95
N THR E 78 -3.00 26.62 -21.53
CA THR E 78 -3.85 27.67 -22.08
C THR E 78 -5.31 27.35 -21.75
N LEU E 79 -6.04 28.36 -21.27
CA LEU E 79 -7.45 28.24 -20.94
C LEU E 79 -8.26 29.11 -21.89
N PHE E 80 -9.32 28.55 -22.45
CA PHE E 80 -10.12 29.22 -23.46
C PHE E 80 -11.53 29.51 -22.93
N LEU E 81 -12.07 30.67 -23.33
CA LEU E 81 -13.45 31.03 -23.08
C LEU E 81 -14.06 31.54 -24.38
N GLN E 82 -15.30 31.13 -24.66
CA GLN E 82 -15.97 31.47 -25.90
C GLN E 82 -17.35 32.03 -25.60
N MET E 83 -17.72 33.10 -26.28
CA MET E 83 -19.04 33.73 -26.14
C MET E 83 -19.72 33.71 -27.50
N THR E 84 -20.97 33.23 -27.53
CA THR E 84 -21.68 33.04 -28.79
C THR E 84 -22.37 34.32 -29.25
N SER E 85 -23.28 34.85 -28.44
CA SER E 85 -24.05 36.05 -28.79
C SER E 85 -23.86 37.07 -27.67
N LEU E 86 -23.12 38.14 -27.97
CA LEU E 86 -22.82 39.18 -26.99
C LEU E 86 -23.87 40.28 -27.08
N ARG E 87 -24.49 40.58 -25.94
CA ARG E 87 -25.54 41.58 -25.86
C ARG E 87 -24.95 42.93 -25.43
N SER E 88 -25.81 43.91 -25.19
CA SER E 88 -25.35 45.25 -24.83
C SER E 88 -24.67 45.26 -23.46
N GLU E 89 -25.21 44.49 -22.51
CA GLU E 89 -24.68 44.46 -21.15
C GLU E 89 -23.54 43.46 -20.99
N ASP E 90 -22.85 43.13 -22.07
CA ASP E 90 -21.71 42.21 -22.02
C ASP E 90 -20.38 42.93 -22.12
N THR E 91 -20.37 44.25 -21.93
CA THR E 91 -19.17 45.06 -21.99
C THR E 91 -18.62 45.24 -20.58
N ALA E 92 -17.37 44.82 -20.38
CA ALA E 92 -16.72 44.86 -19.07
C ALA E 92 -15.25 44.47 -19.25
N MET E 93 -14.55 44.34 -18.13
CA MET E 93 -13.17 43.88 -18.10
C MET E 93 -13.11 42.51 -17.46
N TYR E 94 -12.38 41.58 -18.09
CA TYR E 94 -12.35 40.19 -17.68
C TYR E 94 -11.01 39.85 -17.04
N TYR E 95 -11.06 39.09 -15.95
CA TYR E 95 -9.88 38.62 -15.25
C TYR E 95 -9.91 37.10 -15.12
N CYS E 96 -8.73 36.50 -15.05
CA CYS E 96 -8.57 35.06 -14.83
C CYS E 96 -7.88 34.83 -13.51
N VAL E 97 -8.45 33.96 -12.68
CA VAL E 97 -7.95 33.70 -11.33
C VAL E 97 -7.66 32.21 -11.19
N ARG E 98 -6.54 31.91 -10.54
CA ARG E 98 -6.17 30.53 -10.24
C ARG E 98 -6.54 30.19 -8.80
N SER E 99 -6.78 28.90 -8.55
CA SER E 99 -7.17 28.45 -7.22
C SER E 99 -6.93 26.97 -7.10
N ILE E 100 -6.30 26.56 -6.00
CA ILE E 100 -6.08 25.14 -5.68
C ILE E 100 -6.79 24.84 -4.37
N TYR E 101 -7.43 23.68 -4.29
CA TYR E 101 -8.27 23.31 -3.16
C TYR E 101 -7.71 22.08 -2.47
N TYR E 102 -7.12 22.27 -1.30
CA TYR E 102 -6.79 21.18 -0.39
C TYR E 102 -6.77 21.75 1.02
N TYR E 103 -6.39 20.92 1.98
CA TYR E 103 -6.38 21.35 3.38
C TYR E 103 -5.26 22.35 3.60
N GLY E 104 -5.63 23.59 3.95
CA GLY E 104 -4.67 24.64 4.21
C GLY E 104 -4.31 25.49 3.00
N SER E 105 -4.90 25.22 1.84
CA SER E 105 -4.60 25.99 0.65
C SER E 105 -5.28 27.36 0.69
N SER E 106 -4.79 28.27 -0.14
CA SER E 106 -5.32 29.63 -0.24
C SER E 106 -5.78 29.87 -1.67
N PRO E 107 -7.05 29.63 -1.97
CA PRO E 107 -7.56 29.89 -3.32
C PRO E 107 -7.65 31.37 -3.61
N PHE E 108 -7.79 31.69 -4.90
CA PHE E 108 -7.89 33.07 -5.38
C PHE E 108 -6.64 33.86 -5.01
N ASP E 109 -5.48 33.34 -5.39
CA ASP E 109 -4.20 33.95 -5.05
C ASP E 109 -3.73 34.92 -6.13
N PHE E 110 -3.60 34.45 -7.37
CA PHE E 110 -3.12 35.26 -8.48
C PHE E 110 -4.30 35.61 -9.38
N TRP E 111 -4.44 36.89 -9.69
CA TRP E 111 -5.60 37.40 -10.42
C TRP E 111 -5.27 37.78 -11.87
N GLY E 112 -4.05 37.52 -12.34
CA GLY E 112 -3.73 37.88 -13.70
C GLY E 112 -3.59 39.39 -13.87
N GLN E 113 -3.79 39.83 -15.13
CA GLN E 113 -3.66 41.24 -15.49
C GLN E 113 -5.00 41.85 -15.88
N GLY E 114 -5.68 41.27 -16.87
CA GLY E 114 -6.97 41.78 -17.29
C GLY E 114 -7.04 42.13 -18.76
N THR E 115 -8.22 41.97 -19.35
CA THR E 115 -8.47 42.34 -20.73
C THR E 115 -9.80 43.08 -20.83
N THR E 116 -9.92 43.91 -21.85
CA THR E 116 -11.10 44.74 -22.04
C THR E 116 -11.88 44.31 -23.28
N LEU E 117 -13.20 44.41 -23.19
CA LEU E 117 -14.09 44.06 -24.29
C LEU E 117 -15.27 45.02 -24.27
N THR E 118 -15.57 45.59 -25.44
CA THR E 118 -16.67 46.54 -25.57
C THR E 118 -17.58 46.13 -26.72
N VAL E 119 -18.87 46.42 -26.56
CA VAL E 119 -19.89 46.11 -27.56
C VAL E 119 -20.62 47.40 -27.91
N SER E 120 -20.72 47.69 -29.20
CA SER E 120 -21.42 48.89 -29.64
C SER E 120 -22.91 48.77 -29.37
N SER E 121 -23.54 49.90 -29.04
CA SER E 121 -24.97 49.94 -28.76
C SER E 121 -25.77 49.99 -30.06
N SER E 136 -32.62 31.97 -1.11
CA SER E 136 -32.04 31.89 -2.44
C SER E 136 -30.54 32.20 -2.41
N ASP E 137 -30.07 32.89 -3.45
CA ASP E 137 -28.66 33.24 -3.52
C ASP E 137 -28.31 34.27 -2.45
N ILE E 138 -27.14 34.09 -1.84
CA ILE E 138 -26.67 35.02 -0.82
C ILE E 138 -26.22 36.31 -1.49
N VAL E 139 -26.75 37.43 -1.00
CA VAL E 139 -26.43 38.75 -1.54
C VAL E 139 -25.42 39.43 -0.62
N MET E 140 -24.50 40.18 -1.21
CA MET E 140 -23.48 40.93 -0.47
C MET E 140 -23.76 42.41 -0.59
N THR E 141 -23.86 43.09 0.55
CA THR E 141 -24.15 44.52 0.58
C THR E 141 -23.13 45.25 1.43
N GLN E 142 -22.80 46.47 1.01
CA GLN E 142 -21.88 47.34 1.75
C GLN E 142 -22.45 48.75 1.74
N ALA E 143 -22.95 49.18 2.91
CA ALA E 143 -23.56 50.51 2.99
C ALA E 143 -22.54 51.61 2.71
N THR E 144 -21.33 51.47 3.25
CA THR E 144 -20.31 52.49 3.06
C THR E 144 -19.80 52.46 1.63
N SER E 145 -19.73 53.64 1.00
CA SER E 145 -19.25 53.79 -0.37
C SER E 145 -17.96 54.57 -0.47
N SER E 146 -17.81 55.63 0.31
CA SER E 146 -16.59 56.43 0.29
C SER E 146 -16.45 57.14 1.64
N VAL E 147 -15.25 57.09 2.20
CA VAL E 147 -14.97 57.72 3.49
C VAL E 147 -13.60 58.40 3.43
N PRO E 148 -13.54 59.71 3.63
CA PRO E 148 -12.23 60.38 3.70
C PRO E 148 -11.46 59.93 4.94
N VAL E 149 -10.14 59.86 4.80
CA VAL E 149 -9.29 59.37 5.89
C VAL E 149 -7.90 59.97 5.73
N THR E 150 -7.23 60.18 6.86
CA THR E 150 -5.87 60.70 6.92
C THR E 150 -4.92 59.58 7.29
N PRO E 151 -3.78 59.45 6.61
CA PRO E 151 -2.84 58.37 6.96
C PRO E 151 -2.36 58.48 8.40
N GLY E 152 -2.19 57.33 9.04
CA GLY E 152 -1.75 57.27 10.42
C GLY E 152 -2.83 56.92 11.43
N GLU E 153 -4.04 56.58 10.99
CA GLU E 153 -5.12 56.24 11.90
C GLU E 153 -5.80 54.95 11.43
N SER E 154 -6.46 54.28 12.37
CA SER E 154 -7.10 53.01 12.07
C SER E 154 -8.30 53.20 11.15
N VAL E 155 -8.48 52.25 10.24
CA VAL E 155 -9.57 52.26 9.27
C VAL E 155 -10.33 50.95 9.37
N SER E 156 -11.65 51.03 9.40
CA SER E 156 -12.52 49.86 9.49
C SER E 156 -13.47 49.85 8.31
N ILE E 157 -13.60 48.68 7.68
CA ILE E 157 -14.51 48.47 6.56
C ILE E 157 -15.43 47.30 6.90
N SER E 158 -16.73 47.50 6.74
CA SER E 158 -17.72 46.51 7.12
C SER E 158 -18.41 45.93 5.89
N CYS E 159 -18.71 44.63 5.94
CA CYS E 159 -19.45 43.93 4.91
C CYS E 159 -20.56 43.13 5.56
N ARG E 160 -21.69 43.02 4.87
CA ARG E 160 -22.87 42.34 5.41
C ARG E 160 -23.39 41.34 4.39
N SER E 161 -23.95 40.24 4.90
CA SER E 161 -24.48 39.16 4.08
C SER E 161 -25.98 39.02 4.33
N SER E 162 -26.57 37.97 3.76
CA SER E 162 -27.98 37.66 3.94
C SER E 162 -28.22 36.30 4.57
N LYS E 163 -27.17 35.51 4.78
CA LYS E 163 -27.28 34.19 5.39
C LYS E 163 -26.10 33.99 6.33
N SER E 164 -25.91 32.76 6.78
CA SER E 164 -24.79 32.40 7.66
C SER E 164 -23.74 31.65 6.85
N LEU E 165 -22.53 32.18 6.82
CA LEU E 165 -21.43 31.57 6.08
C LEU E 165 -20.65 30.55 6.92
N LEU E 166 -20.98 30.40 8.20
CA LEU E 166 -20.29 29.46 9.07
C LEU E 166 -20.79 28.05 8.77
N HIS E 167 -19.92 27.21 8.23
CA HIS E 167 -20.29 25.85 7.89
C HIS E 167 -20.20 24.94 9.12
N SER E 168 -20.65 23.69 8.95
CA SER E 168 -20.61 22.73 10.05
C SER E 168 -19.19 22.43 10.48
N ASN E 169 -18.26 22.33 9.53
CA ASN E 169 -16.88 22.03 9.85
C ASN E 169 -16.17 23.16 10.58
N GLY E 170 -16.76 24.35 10.61
CA GLY E 170 -16.19 25.49 11.30
C GLY E 170 -15.59 26.54 10.38
N ASN E 171 -15.51 26.29 9.09
CA ASN E 171 -14.96 27.26 8.16
C ASN E 171 -15.93 28.41 7.94
N THR E 172 -15.37 29.56 7.55
CA THR E 172 -16.14 30.77 7.23
C THR E 172 -15.65 31.24 5.86
N TYR E 173 -16.37 30.85 4.81
CA TYR E 173 -15.94 31.11 3.44
C TYR E 173 -16.23 32.57 3.08
N LEU E 174 -15.32 33.45 3.50
CA LEU E 174 -15.37 34.85 3.13
C LEU E 174 -13.96 35.33 2.81
N TYR E 175 -13.84 36.11 1.73
CA TYR E 175 -12.53 36.54 1.23
C TYR E 175 -12.51 38.06 1.13
N TRP E 176 -11.39 38.64 1.54
CA TRP E 176 -11.16 40.08 1.44
C TRP E 176 -9.98 40.34 0.51
N PHE E 177 -10.21 41.18 -0.50
CA PHE E 177 -9.15 41.54 -1.45
C PHE E 177 -9.29 43.01 -1.83
N LEU E 178 -8.18 43.59 -2.28
CA LEU E 178 -8.08 45.01 -2.57
C LEU E 178 -7.74 45.21 -4.04
N GLN E 179 -8.30 46.26 -4.63
CA GLN E 179 -8.02 46.64 -6.01
C GLN E 179 -7.47 48.06 -6.03
N ARG E 180 -6.19 48.19 -6.39
CA ARG E 180 -5.59 49.51 -6.50
C ARG E 180 -5.97 50.16 -7.83
N PRO E 181 -5.97 51.49 -7.89
CA PRO E 181 -6.31 52.18 -9.15
C PRO E 181 -5.41 51.73 -10.28
N GLY E 182 -6.03 51.18 -11.34
CA GLY E 182 -5.29 50.74 -12.49
C GLY E 182 -4.49 49.48 -12.30
N GLN E 183 -4.83 48.66 -11.30
CA GLN E 183 -4.10 47.43 -11.02
C GLN E 183 -5.10 46.30 -10.76
N SER E 184 -4.63 45.07 -11.01
CA SER E 184 -5.46 43.90 -10.79
C SER E 184 -5.68 43.68 -9.30
N PRO E 185 -6.84 43.16 -8.90
CA PRO E 185 -7.09 42.90 -7.48
C PRO E 185 -6.10 41.90 -6.91
N GLN E 186 -5.71 42.13 -5.65
CA GLN E 186 -4.79 41.27 -4.94
C GLN E 186 -5.46 40.75 -3.67
N LEU E 187 -5.30 39.46 -3.42
CA LEU E 187 -5.92 38.85 -2.24
C LEU E 187 -5.23 39.32 -0.97
N LEU E 188 -6.04 39.60 0.06
CA LEU E 188 -5.54 40.02 1.36
C LEU E 188 -5.89 39.03 2.46
N ILE E 189 -7.16 38.67 2.60
CA ILE E 189 -7.62 37.76 3.64
C ILE E 189 -8.45 36.66 2.98
N TYR E 190 -8.13 35.41 3.30
CA TYR E 190 -8.92 34.27 2.84
C TYR E 190 -9.46 33.52 4.05
N ARG E 191 -10.72 33.09 3.94
CA ARG E 191 -11.46 32.45 5.02
C ARG E 191 -11.65 33.36 6.23
N MET E 192 -11.55 34.68 6.02
CA MET E 192 -11.96 35.71 6.97
C MET E 192 -11.02 35.78 8.18
N SER E 193 -10.08 34.86 8.28
CA SER E 193 -9.17 34.86 9.41
C SER E 193 -7.70 34.82 9.02
N ASN E 194 -7.35 34.10 7.96
CA ASN E 194 -5.96 33.85 7.61
C ASN E 194 -5.41 34.96 6.73
N LEU E 195 -4.21 35.44 7.08
CA LEU E 195 -3.52 36.44 6.28
C LEU E 195 -2.90 35.79 5.05
N ALA E 196 -2.77 36.59 3.98
CA ALA E 196 -2.17 36.11 2.75
C ALA E 196 -0.64 36.13 2.85
N SER E 197 0.02 35.78 1.75
CA SER E 197 1.47 35.73 1.68
C SER E 197 1.97 36.92 0.88
N GLY E 198 2.94 37.65 1.44
CA GLY E 198 3.48 38.83 0.81
C GLY E 198 2.83 40.14 1.21
N VAL E 199 1.90 40.11 2.17
CA VAL E 199 1.21 41.32 2.62
C VAL E 199 1.67 41.64 4.04
N PRO E 200 1.66 42.91 4.45
CA PRO E 200 2.10 43.25 5.80
C PRO E 200 1.09 42.79 6.84
N ASP E 201 1.52 42.88 8.11
CA ASP E 201 0.69 42.46 9.23
C ASP E 201 -0.31 43.52 9.67
N ARG E 202 -0.30 44.70 9.04
CA ARG E 202 -1.25 45.75 9.41
C ARG E 202 -2.69 45.31 9.14
N PHE E 203 -2.93 44.67 8.00
CA PHE E 203 -4.27 44.23 7.66
C PHE E 203 -4.71 43.09 8.59
N SER E 204 -5.97 43.14 9.01
CA SER E 204 -6.54 42.11 9.86
C SER E 204 -8.04 42.03 9.59
N GLY E 205 -8.60 40.86 9.83
CA GLY E 205 -10.01 40.62 9.60
C GLY E 205 -10.65 39.89 10.77
N SER E 206 -11.85 40.31 11.12
CA SER E 206 -12.60 39.71 12.22
C SER E 206 -14.09 39.90 11.98
N GLY E 207 -14.85 38.84 12.19
CA GLY E 207 -16.29 38.90 12.01
C GLY E 207 -16.93 37.60 12.47
N SER E 208 -18.26 37.65 12.59
CA SER E 208 -19.03 36.50 13.01
C SER E 208 -20.46 36.64 12.51
N GLY E 209 -21.09 35.50 12.27
CA GLY E 209 -22.47 35.49 11.82
C GLY E 209 -22.69 36.15 10.48
N THR E 210 -23.34 37.31 10.49
CA THR E 210 -23.66 38.04 9.27
C THR E 210 -22.74 39.24 9.03
N ALA E 211 -22.27 39.88 10.08
CA ALA E 211 -21.47 41.10 9.96
C ALA E 211 -19.99 40.76 10.07
N PHE E 212 -19.19 41.30 9.15
CA PHE E 212 -17.75 41.10 9.14
C PHE E 212 -17.05 42.45 8.94
N THR E 213 -15.83 42.55 9.45
CA THR E 213 -15.09 43.80 9.42
C THR E 213 -13.65 43.54 9.04
N LEU E 214 -13.07 44.50 8.33
CA LEU E 214 -11.65 44.51 7.98
C LEU E 214 -11.00 45.71 8.63
N THR E 215 -9.90 45.48 9.34
CA THR E 215 -9.26 46.51 10.14
C THR E 215 -7.81 46.70 9.70
N ILE E 216 -7.39 47.96 9.61
CA ILE E 216 -6.02 48.34 9.30
C ILE E 216 -5.50 49.18 10.46
N SER E 217 -4.32 48.80 10.98
CA SER E 217 -3.77 49.51 12.14
C SER E 217 -3.12 50.83 11.73
N ARG E 218 -2.10 50.76 10.88
CA ARG E 218 -1.38 51.94 10.42
C ARG E 218 -1.68 52.16 8.94
N LEU E 219 -1.99 53.40 8.58
CA LEU E 219 -2.35 53.75 7.21
C LEU E 219 -1.18 54.41 6.49
N GLU E 220 -0.97 54.02 5.24
CA GLU E 220 0.09 54.60 4.41
C GLU E 220 -0.48 55.06 3.07
N ALA E 221 0.40 55.49 2.17
CA ALA E 221 -0.03 55.97 0.86
C ALA E 221 -0.30 54.86 -0.14
N GLU E 222 0.11 53.63 0.16
CA GLU E 222 -0.09 52.50 -0.74
C GLU E 222 -1.35 51.71 -0.43
N ASP E 223 -2.12 52.10 0.59
CA ASP E 223 -3.32 51.38 0.99
C ASP E 223 -4.58 51.91 0.32
N VAL E 224 -4.45 52.92 -0.55
CA VAL E 224 -5.63 53.47 -1.23
C VAL E 224 -6.11 52.50 -2.29
N GLY E 225 -7.42 52.29 -2.35
CA GLY E 225 -7.99 51.38 -3.32
C GLY E 225 -9.45 51.13 -3.04
N VAL E 226 -9.97 50.04 -3.61
CA VAL E 226 -11.36 49.65 -3.45
C VAL E 226 -11.40 48.26 -2.83
N TYR E 227 -12.22 48.10 -1.79
CA TYR E 227 -12.31 46.86 -1.04
C TYR E 227 -13.57 46.10 -1.43
N TYR E 228 -13.44 44.78 -1.60
CA TYR E 228 -14.56 43.92 -1.94
C TYR E 228 -14.58 42.72 -0.99
N CYS E 229 -15.79 42.25 -0.69
CA CYS E 229 -16.00 41.06 0.12
C CYS E 229 -16.71 40.00 -0.70
N MET E 230 -16.16 38.79 -0.69
CA MET E 230 -16.68 37.67 -1.47
C MET E 230 -17.06 36.52 -0.56
N GLN E 231 -18.01 35.71 -1.03
CA GLN E 231 -18.43 34.50 -0.34
C GLN E 231 -18.16 33.29 -1.22
N HIS E 232 -17.81 32.17 -0.57
CA HIS E 232 -17.52 30.93 -1.28
C HIS E 232 -18.28 29.74 -0.68
N LEU E 233 -19.35 30.00 0.06
CA LEU E 233 -20.11 28.92 0.68
C LEU E 233 -20.73 28.01 -0.38
N GLU E 234 -21.33 28.60 -1.42
CA GLU E 234 -21.94 27.81 -2.48
C GLU E 234 -22.05 28.68 -3.73
N TYR E 235 -22.06 28.02 -4.88
CA TYR E 235 -22.21 28.73 -6.14
C TYR E 235 -23.65 29.20 -6.31
N PRO E 236 -23.87 30.35 -6.98
CA PRO E 236 -22.85 31.23 -7.57
C PRO E 236 -22.13 32.10 -6.54
N LEU E 237 -20.94 32.57 -6.89
CA LEU E 237 -20.15 33.45 -6.02
C LEU E 237 -20.59 34.89 -6.24
N THR E 238 -20.97 35.56 -5.15
CA THR E 238 -21.48 36.93 -5.21
C THR E 238 -20.54 37.85 -4.47
N PHE E 239 -20.18 38.96 -5.11
CA PHE E 239 -19.31 39.97 -4.52
C PHE E 239 -20.14 41.11 -3.93
N GLY E 240 -19.46 41.97 -3.17
CA GLY E 240 -20.10 43.11 -2.54
C GLY E 240 -19.90 44.40 -3.33
N ALA E 241 -20.58 45.44 -2.86
CA ALA E 241 -20.47 46.75 -3.49
C ALA E 241 -19.08 47.34 -3.24
N GLY E 242 -18.56 48.06 -4.22
CA GLY E 242 -17.25 48.65 -4.10
C GLY E 242 -17.21 49.72 -3.02
N THR E 243 -16.23 49.63 -2.12
CA THR E 243 -16.01 50.63 -1.09
C THR E 243 -14.67 51.32 -1.36
N LYS E 244 -14.72 52.64 -1.50
CA LYS E 244 -13.56 53.42 -1.90
C LYS E 244 -13.03 54.24 -0.73
N LEU E 245 -11.71 54.40 -0.69
CA LEU E 245 -11.04 55.20 0.32
C LEU E 245 -10.28 56.33 -0.36
N GLU E 246 -10.44 57.55 0.16
CA GLU E 246 -9.81 58.73 -0.41
C GLU E 246 -8.71 59.23 0.52
N LEU E 247 -7.58 59.62 -0.06
CA LEU E 247 -6.44 60.11 0.72
C LEU E 247 -6.75 61.46 1.34
#